data_4X5D
#
_entry.id   4X5D
#
_cell.length_a   79.950
_cell.length_b   91.646
_cell.length_c   120.832
_cell.angle_alpha   90.000
_cell.angle_beta   90.000
_cell.angle_gamma   90.000
#
_symmetry.space_group_name_H-M   'P 21 21 21'
#
loop_
_entity.id
_entity.type
_entity.pdbx_description
1 polymer 'Anthranilate phosphoribosyltransferase'
2 non-polymer '2-AMINOBENZOIC ACID'
3 non-polymer IMIDAZOLE
4 non-polymer GLYCEROL
5 water water
#
_entity_poly.entity_id   1
_entity_poly.type   'polypeptide(L)'
_entity_poly.pdbx_seq_one_letter_code
;MALSAEGSSGGSRGGSPKAEAASVPSWPQILGRLTDNRDLARGQAAWAMDQIMTGNARPAQIAAFAVAMTMKAPTADEVG
ELAGVMLSHAHPLPADTVPDDAVDVVGTGGDGVNTVNLSTMAAIVVAAAGVPVVKHGNRAASSLSGGADTLEALGVRIDL
GPDLVARSLAEVGIGFCFAPRFHPSYRHAAAVAREIGVPTVFNLLGPLTNPARPRAGLIGCAFADLAEVMAGVFAARRSS
VLVVHGDDGLDELTTTTTSTIWRVAAGSVDKLTFDPAGFGFARAQLDQLAGGDAQANAAAVRAVLGGARGPVRDAVVLNA
AGAIVAHAGLSSRAEWLPAWEEGLRRASAAIDTGAAEQLLARWVRFGRQILEHHHHHH
;
_entity_poly.pdbx_strand_id   A,B
#
loop_
_chem_comp.id
_chem_comp.type
_chem_comp.name
_chem_comp.formula
GOL non-polymer GLYCEROL 'C3 H8 O3'
IMD non-polymer IMIDAZOLE 'C3 H5 N2 1'
#
# COMPACT_ATOMS: atom_id res chain seq x y z
N VAL A 24 -2.13 19.34 11.86
CA VAL A 24 -0.83 18.61 11.66
C VAL A 24 -0.90 17.40 10.69
N PRO A 25 -2.02 16.65 10.63
CA PRO A 25 -1.94 15.45 9.79
C PRO A 25 -1.78 15.75 8.30
N SER A 26 -1.03 14.91 7.61
CA SER A 26 -0.92 15.02 6.15
C SER A 26 -0.75 13.64 5.59
N TRP A 27 -0.96 13.50 4.29
CA TRP A 27 -0.76 12.21 3.64
C TRP A 27 0.70 11.72 3.72
N PRO A 28 1.69 12.59 3.46
CA PRO A 28 3.07 12.09 3.68
C PRO A 28 3.34 11.59 5.09
N GLN A 29 2.85 12.30 6.10
CA GLN A 29 3.04 11.86 7.48
C GLN A 29 2.38 10.50 7.77
N ILE A 30 1.12 10.35 7.38
CA ILE A 30 0.34 9.14 7.65
C ILE A 30 0.86 7.95 6.82
N LEU A 31 1.07 8.18 5.54
CA LEU A 31 1.58 7.12 4.67
C LEU A 31 3.00 6.71 5.04
N GLY A 32 3.84 7.69 5.40
CA GLY A 32 5.20 7.38 5.86
C GLY A 32 5.19 6.52 7.11
N ARG A 33 4.34 6.89 8.05
CA ARG A 33 4.17 6.13 9.26
C ARG A 33 3.72 4.68 8.99
N LEU A 34 2.74 4.52 8.11
CA LEU A 34 2.23 3.17 7.81
C LEU A 34 3.24 2.29 7.05
N THR A 35 3.95 2.88 6.09
CA THR A 35 4.95 2.12 5.31
C THR A 35 6.15 1.73 6.16
N ASP A 36 6.36 2.45 7.27
CA ASP A 36 7.34 2.06 8.26
C ASP A 36 6.80 1.03 9.28
N ASN A 37 5.64 0.43 8.98
CA ASN A 37 4.93 -0.49 9.88
C ASN A 37 4.62 0.06 11.26
N ARG A 38 4.29 1.34 11.37
CA ARG A 38 3.92 1.89 12.66
C ARG A 38 2.44 2.18 12.77
N ASP A 39 1.90 1.90 13.95
CA ASP A 39 0.52 2.30 14.29
C ASP A 39 0.39 3.80 14.11
N LEU A 40 -0.78 4.25 13.68
CA LEU A 40 -1.01 5.68 13.56
C LEU A 40 -1.15 6.33 14.94
N ALA A 41 -0.85 7.61 15.03
CA ALA A 41 -1.20 8.38 16.21
C ALA A 41 -2.72 8.59 16.20
N ARG A 42 -3.27 8.68 17.41
CA ARG A 42 -4.66 8.99 17.62
C ARG A 42 -5.04 10.17 16.72
N GLY A 43 -6.18 10.04 16.03
CA GLY A 43 -6.69 11.13 15.19
C GLY A 43 -6.24 11.06 13.75
N GLN A 44 -5.18 10.33 13.46
CA GLN A 44 -4.69 10.26 12.06
C GLN A 44 -5.63 9.49 11.10
N ALA A 45 -6.10 8.33 11.54
CA ALA A 45 -7.05 7.56 10.75
C ALA A 45 -8.34 8.35 10.51
N ALA A 46 -8.86 9.01 11.54
CA ALA A 46 -10.03 9.88 11.39
C ALA A 46 -9.83 10.97 10.36
N TRP A 47 -8.68 11.63 10.38
CA TRP A 47 -8.38 12.68 9.40
C TRP A 47 -8.35 12.11 7.97
N ALA A 48 -7.68 10.99 7.81
CA ALA A 48 -7.62 10.34 6.50
C ALA A 48 -9.04 10.00 6.00
N MET A 49 -9.89 9.52 6.90
CA MET A 49 -11.24 9.14 6.51
C MET A 49 -12.05 10.36 6.17
N ASP A 50 -11.86 11.44 6.91
CA ASP A 50 -12.60 12.63 6.58
C ASP A 50 -12.19 13.15 5.20
N GLN A 51 -10.89 13.14 4.89
CA GLN A 51 -10.42 13.49 3.53
C GLN A 51 -11.11 12.63 2.47
N ILE A 52 -11.14 11.32 2.68
CA ILE A 52 -11.77 10.38 1.76
C ILE A 52 -13.27 10.66 1.59
N MET A 53 -13.95 10.87 2.71
CA MET A 53 -15.40 11.09 2.71
C MET A 53 -15.81 12.45 2.10
N THR A 54 -14.97 13.48 2.22
CA THR A 54 -15.31 14.77 1.62
C THR A 54 -14.89 14.93 0.16
N GLY A 55 -14.21 13.94 -0.42
CA GLY A 55 -13.80 13.97 -1.81
C GLY A 55 -12.45 14.65 -1.97
N ASN A 56 -11.78 14.95 -0.87
CA ASN A 56 -10.52 15.64 -0.96
C ASN A 56 -9.30 14.74 -1.11
N ALA A 57 -9.47 13.43 -1.12
CA ALA A 57 -8.32 12.55 -1.26
C ALA A 57 -8.19 12.14 -2.74
N ARG A 58 -6.98 12.20 -3.27
CA ARG A 58 -6.74 11.70 -4.65
C ARG A 58 -6.93 10.18 -4.65
N PRO A 59 -7.41 9.62 -5.76
CA PRO A 59 -7.48 8.17 -5.81
C PRO A 59 -6.17 7.44 -5.40
N ALA A 60 -5.02 8.00 -5.74
CA ALA A 60 -3.73 7.41 -5.36
C ALA A 60 -3.50 7.40 -3.85
N GLN A 61 -3.91 8.46 -3.17
CA GLN A 61 -3.81 8.56 -1.69
C GLN A 61 -4.74 7.56 -1.02
N ILE A 62 -5.91 7.38 -1.59
CA ILE A 62 -6.90 6.47 -1.03
C ILE A 62 -6.35 5.06 -1.12
N ALA A 63 -5.89 4.68 -2.32
CA ALA A 63 -5.30 3.35 -2.53
C ALA A 63 -4.08 3.14 -1.66
N ALA A 64 -3.20 4.14 -1.59
CA ALA A 64 -1.97 3.99 -0.80
C ALA A 64 -2.31 3.77 0.68
N PHE A 65 -3.29 4.53 1.19
CA PHE A 65 -3.74 4.38 2.57
C PHE A 65 -4.35 2.98 2.84
N ALA A 66 -5.29 2.56 2.02
CA ALA A 66 -5.94 1.27 2.18
C ALA A 66 -4.93 0.14 2.18
N VAL A 67 -4.02 0.16 1.22
CA VAL A 67 -3.04 -0.90 1.09
C VAL A 67 -2.03 -0.90 2.24
N ALA A 68 -1.50 0.29 2.58
CA ALA A 68 -0.52 0.41 3.66
C ALA A 68 -1.12 0.00 4.99
N MET A 69 -2.31 0.50 5.28
CA MET A 69 -2.99 0.10 6.50
C MET A 69 -3.22 -1.40 6.55
N THR A 70 -3.59 -2.01 5.42
CA THR A 70 -3.80 -3.45 5.36
C THR A 70 -2.54 -4.28 5.66
N MET A 71 -1.42 -3.90 5.05
CA MET A 71 -0.17 -4.65 5.23
C MET A 71 0.44 -4.35 6.59
N LYS A 72 0.21 -3.17 7.11
CA LYS A 72 0.66 -2.85 8.48
C LYS A 72 -0.11 -3.74 9.51
N ALA A 73 -1.38 -4.02 9.25
CA ALA A 73 -2.30 -4.68 10.19
C ALA A 73 -2.96 -3.57 10.99
N PRO A 74 -4.20 -3.24 10.68
CA PRO A 74 -4.88 -2.19 11.43
C PRO A 74 -5.20 -2.56 12.88
N THR A 75 -5.28 -1.56 13.75
CA THR A 75 -5.74 -1.77 15.11
C THR A 75 -7.23 -1.39 15.27
N ALA A 76 -7.82 -1.89 16.33
CA ALA A 76 -9.18 -1.56 16.71
C ALA A 76 -9.40 -0.04 16.83
N ASP A 77 -8.47 0.66 17.41
CA ASP A 77 -8.55 2.13 17.47
C ASP A 77 -8.64 2.80 16.11
N GLU A 78 -7.82 2.32 15.18
CA GLU A 78 -7.71 2.89 13.85
C GLU A 78 -9.00 2.63 13.09
N VAL A 79 -9.46 1.41 13.17
CA VAL A 79 -10.72 1.04 12.52
C VAL A 79 -11.93 1.73 13.17
N GLY A 80 -11.94 1.91 14.49
CA GLY A 80 -13.04 2.65 15.12
C GLY A 80 -13.09 4.11 14.63
N GLU A 81 -11.93 4.71 14.37
CA GLU A 81 -11.90 6.09 13.88
C GLU A 81 -12.45 6.12 12.45
N LEU A 82 -12.00 5.19 11.63
CA LEU A 82 -12.48 5.10 10.24
C LEU A 82 -14.00 4.98 10.21
N ALA A 83 -14.54 4.03 10.98
CA ALA A 83 -15.99 3.75 11.02
C ALA A 83 -16.79 4.88 11.60
N GLY A 84 -16.23 5.54 12.61
CA GLY A 84 -16.92 6.65 13.27
C GLY A 84 -17.07 7.84 12.37
N VAL A 85 -16.01 8.18 11.65
CA VAL A 85 -16.08 9.26 10.68
C VAL A 85 -17.03 8.91 9.54
N MET A 86 -16.92 7.72 9.00
CA MET A 86 -17.83 7.28 7.93
C MET A 86 -19.30 7.40 8.35
N LEU A 87 -19.61 6.89 9.53
CA LEU A 87 -20.93 7.04 10.12
C LEU A 87 -21.39 8.47 10.29
N SER A 88 -20.50 9.39 10.65
CA SER A 88 -20.91 10.78 10.77
C SER A 88 -21.28 11.36 9.42
N HIS A 89 -20.86 10.75 8.33
CA HIS A 89 -21.30 11.23 7.02
C HIS A 89 -22.56 10.52 6.50
N ALA A 90 -22.99 9.46 7.17
CA ALA A 90 -24.10 8.63 6.68
C ALA A 90 -25.44 9.25 6.96
N HIS A 91 -26.46 8.75 6.28
CA HIS A 91 -27.85 9.13 6.57
C HIS A 91 -28.36 8.22 7.66
N PRO A 92 -28.98 8.79 8.68
CA PRO A 92 -29.45 7.95 9.78
C PRO A 92 -30.80 7.38 9.45
N LEU A 93 -31.21 6.36 10.18
CA LEU A 93 -32.63 6.02 10.24
C LEU A 93 -33.31 7.02 11.19
N PRO A 94 -34.61 7.30 10.94
CA PRO A 94 -35.34 8.25 11.81
C PRO A 94 -35.36 7.85 13.31
N ALA A 95 -35.47 8.86 14.17
CA ALA A 95 -35.48 8.67 15.63
C ALA A 95 -36.47 7.61 16.10
N ASP A 96 -35.97 6.62 16.84
CA ASP A 96 -36.80 5.62 17.55
C ASP A 96 -37.54 4.70 16.63
N THR A 97 -36.99 4.45 15.45
CA THR A 97 -37.62 3.57 14.47
C THR A 97 -36.95 2.21 14.42
N VAL A 98 -35.76 2.12 15.01
CA VAL A 98 -34.99 0.89 15.03
C VAL A 98 -35.19 0.24 16.39
N PRO A 99 -35.69 -1.01 16.40
CA PRO A 99 -35.85 -1.59 17.74
C PRO A 99 -34.50 -1.63 18.43
N ASP A 100 -34.53 -1.34 19.72
CA ASP A 100 -33.35 -1.34 20.56
C ASP A 100 -32.54 -2.64 20.53
N ASP A 101 -33.23 -3.75 20.28
CA ASP A 101 -32.62 -5.06 20.34
C ASP A 101 -32.41 -5.65 18.93
N ALA A 102 -32.28 -4.79 17.92
CA ALA A 102 -32.09 -5.24 16.53
C ALA A 102 -30.71 -5.86 16.30
N VAL A 103 -30.61 -6.81 15.36
CA VAL A 103 -29.32 -7.45 15.07
C VAL A 103 -28.95 -7.45 13.63
N ASP A 104 -27.66 -7.62 13.36
CA ASP A 104 -27.14 -7.72 12.00
C ASP A 104 -26.61 -9.15 11.89
N VAL A 105 -26.60 -9.66 10.66
CA VAL A 105 -26.01 -10.96 10.36
C VAL A 105 -25.23 -10.77 9.06
N VAL A 106 -23.92 -10.82 9.11
CA VAL A 106 -23.15 -10.38 7.96
C VAL A 106 -21.73 -10.87 8.09
N GLY A 107 -21.07 -11.04 6.94
CA GLY A 107 -19.62 -11.29 6.90
C GLY A 107 -18.90 -10.23 6.09
N THR A 108 -17.60 -10.12 6.26
CA THR A 108 -16.78 -9.10 5.59
C THR A 108 -16.27 -9.54 4.23
N GLY A 109 -16.71 -10.69 3.75
CA GLY A 109 -16.35 -11.16 2.42
C GLY A 109 -15.55 -12.44 2.56
N GLY A 110 -16.02 -13.52 1.94
CA GLY A 110 -15.29 -14.79 1.95
C GLY A 110 -13.95 -14.61 1.25
N ASP A 111 -12.98 -15.44 1.61
CA ASP A 111 -11.65 -15.34 1.01
C ASP A 111 -11.69 -15.90 -0.42
N GLY A 112 -12.12 -15.05 -1.36
CA GLY A 112 -12.38 -15.44 -2.74
C GLY A 112 -13.36 -16.61 -2.89
N VAL A 113 -14.38 -16.65 -2.02
CA VAL A 113 -15.36 -17.75 -1.96
C VAL A 113 -16.71 -17.21 -1.47
N ASN A 114 -17.79 -17.50 -2.18
CA ASN A 114 -19.08 -16.82 -1.91
C ASN A 114 -19.98 -17.49 -0.85
N THR A 115 -20.19 -16.73 0.24
CA THR A 115 -21.01 -17.14 1.40
C THR A 115 -22.14 -16.13 1.72
N VAL A 116 -22.47 -15.29 0.73
CA VAL A 116 -23.56 -14.31 0.82
C VAL A 116 -24.93 -14.98 0.97
N ASN A 117 -25.13 -16.07 0.25
CA ASN A 117 -26.30 -16.90 0.43
C ASN A 117 -26.60 -17.18 1.92
N LEU A 118 -25.62 -17.64 2.67
CA LEU A 118 -25.85 -18.08 4.05
C LEU A 118 -26.41 -16.97 4.94
N SER A 119 -25.78 -15.81 4.91
CA SER A 119 -26.12 -14.74 5.82
C SER A 119 -27.47 -14.14 5.44
N THR A 120 -27.83 -14.18 4.17
CA THR A 120 -29.16 -13.75 3.73
C THR A 120 -30.26 -14.67 4.31
N MET A 121 -30.07 -15.96 4.17
CA MET A 121 -31.00 -16.95 4.70
C MET A 121 -31.08 -16.90 6.22
N ALA A 122 -29.94 -16.76 6.90
CA ALA A 122 -29.92 -16.74 8.34
C ALA A 122 -30.70 -15.53 8.84
N ALA A 123 -30.58 -14.42 8.13
CA ALA A 123 -31.24 -13.19 8.56
C ALA A 123 -32.75 -13.37 8.49
N ILE A 124 -33.22 -13.98 7.41
CA ILE A 124 -34.64 -14.27 7.29
C ILE A 124 -35.08 -15.18 8.43
N VAL A 125 -34.27 -16.18 8.74
CA VAL A 125 -34.66 -17.15 9.76
C VAL A 125 -34.65 -16.51 11.14
N VAL A 126 -33.65 -15.66 11.41
CA VAL A 126 -33.57 -14.93 12.69
C VAL A 126 -34.77 -14.02 12.86
N ALA A 127 -35.14 -13.31 11.81
CA ALA A 127 -36.28 -12.40 11.94
C ALA A 127 -37.56 -13.18 12.20
N ALA A 128 -37.69 -14.34 11.54
CA ALA A 128 -38.85 -15.21 11.73
C ALA A 128 -38.95 -15.80 13.15
N ALA A 129 -37.80 -15.98 13.81
CA ALA A 129 -37.75 -16.38 15.21
C ALA A 129 -38.11 -15.24 16.19
N GLY A 130 -38.40 -14.06 15.68
CA GLY A 130 -38.86 -12.95 16.49
C GLY A 130 -37.80 -11.90 16.82
N VAL A 131 -36.59 -12.02 16.29
CA VAL A 131 -35.54 -11.08 16.54
C VAL A 131 -35.44 -10.10 15.36
N PRO A 132 -35.61 -8.78 15.60
CA PRO A 132 -35.54 -7.82 14.49
C PRO A 132 -34.21 -7.83 13.82
N VAL A 133 -34.20 -7.77 12.49
CA VAL A 133 -32.97 -7.84 11.74
C VAL A 133 -32.87 -6.63 10.82
N VAL A 134 -31.72 -5.96 10.87
CA VAL A 134 -31.46 -4.89 9.94
C VAL A 134 -30.09 -5.14 9.30
N LYS A 135 -30.15 -5.38 8.01
CA LYS A 135 -28.99 -5.60 7.19
C LYS A 135 -28.57 -4.36 6.41
N HIS A 136 -27.39 -4.45 5.84
CA HIS A 136 -26.69 -3.32 5.21
C HIS A 136 -25.74 -3.96 4.20
N GLY A 137 -25.91 -3.64 2.93
CA GLY A 137 -25.06 -4.17 1.89
C GLY A 137 -25.27 -3.47 0.56
N ASN A 138 -24.61 -4.00 -0.46
CA ASN A 138 -24.67 -3.45 -1.80
C ASN A 138 -24.96 -4.55 -2.81
N ARG A 139 -25.24 -4.16 -4.07
CA ARG A 139 -25.26 -5.09 -5.21
C ARG A 139 -23.86 -5.67 -5.37
N ALA A 140 -23.80 -6.98 -5.51
CA ALA A 140 -22.65 -7.78 -5.09
C ALA A 140 -21.47 -7.71 -6.03
N ALA A 141 -20.35 -8.25 -5.54
CA ALA A 141 -19.01 -8.00 -6.08
C ALA A 141 -18.66 -6.53 -5.88
N SER A 142 -19.06 -5.99 -4.72
CA SER A 142 -18.93 -4.56 -4.41
C SER A 142 -19.47 -4.26 -3.02
N SER A 145 -20.12 -5.59 1.51
CA SER A 145 -21.04 -6.73 1.59
C SER A 145 -22.08 -6.73 0.45
N GLY A 146 -22.34 -7.92 -0.10
CA GLY A 146 -23.34 -8.12 -1.15
C GLY A 146 -24.72 -8.48 -0.60
N GLY A 147 -25.39 -9.46 -1.24
CA GLY A 147 -26.67 -9.99 -0.74
C GLY A 147 -27.90 -9.32 -1.34
N ALA A 148 -27.72 -8.10 -1.79
CA ALA A 148 -28.76 -7.33 -2.37
C ALA A 148 -29.32 -7.94 -3.67
N ASP A 149 -28.46 -8.50 -4.51
CA ASP A 149 -28.84 -9.10 -5.81
C ASP A 149 -29.81 -10.27 -5.65
N THR A 150 -29.47 -11.16 -4.71
CA THR A 150 -30.31 -12.31 -4.38
C THR A 150 -31.69 -11.90 -3.86
N LEU A 151 -31.72 -10.90 -2.98
CA LEU A 151 -32.97 -10.40 -2.46
C LEU A 151 -33.85 -9.83 -3.59
N GLU A 152 -33.23 -9.09 -4.52
CA GLU A 152 -33.98 -8.55 -5.65
C GLU A 152 -34.56 -9.68 -6.47
N ALA A 153 -33.76 -10.73 -6.69
CA ALA A 153 -34.23 -11.88 -7.45
C ALA A 153 -35.41 -12.56 -6.79
N LEU A 154 -35.50 -12.48 -5.46
CA LEU A 154 -36.65 -13.00 -4.71
C LEU A 154 -37.85 -12.04 -4.70
N GLY A 155 -37.67 -10.83 -5.22
CA GLY A 155 -38.76 -9.85 -5.27
C GLY A 155 -38.72 -8.82 -4.17
N VAL A 156 -37.66 -8.79 -3.39
CA VAL A 156 -37.52 -7.79 -2.33
C VAL A 156 -37.04 -6.46 -2.91
N ARG A 157 -37.71 -5.36 -2.57
CA ARG A 157 -37.24 -4.01 -2.93
C ARG A 157 -36.16 -3.58 -1.97
N ILE A 158 -34.95 -3.46 -2.49
CA ILE A 158 -33.79 -3.26 -1.62
C ILE A 158 -33.38 -1.81 -1.43
N ASP A 159 -33.72 -0.94 -2.37
CA ASP A 159 -33.20 0.43 -2.38
C ASP A 159 -34.28 1.37 -1.88
N LEU A 160 -34.40 1.46 -0.56
CA LEU A 160 -35.43 2.24 0.07
C LEU A 160 -34.81 3.26 1.00
N GLY A 161 -35.51 4.36 1.19
CA GLY A 161 -35.04 5.42 2.04
C GLY A 161 -35.32 5.07 3.49
N PRO A 162 -34.84 5.93 4.40
CA PRO A 162 -34.86 5.65 5.82
C PRO A 162 -36.23 5.36 6.41
N ASP A 163 -37.25 6.11 5.97
CA ASP A 163 -38.62 5.97 6.46
C ASP A 163 -39.18 4.57 6.15
N LEU A 164 -38.90 4.09 4.94
CA LEU A 164 -39.42 2.80 4.48
C LEU A 164 -38.68 1.61 5.08
N VAL A 165 -37.37 1.75 5.29
CA VAL A 165 -36.62 0.72 6.03
C VAL A 165 -37.22 0.60 7.45
N ALA A 166 -37.42 1.75 8.11
CA ALA A 166 -38.04 1.78 9.45
C ALA A 166 -39.42 1.13 9.45
N ARG A 167 -40.23 1.48 8.47
CA ARG A 167 -41.56 0.87 8.35
C ARG A 167 -41.43 -0.65 8.05
N SER A 168 -40.44 -1.04 7.23
CA SER A 168 -40.21 -2.46 6.99
C SER A 168 -39.89 -3.16 8.29
N LEU A 169 -38.99 -2.58 9.08
CA LEU A 169 -38.63 -3.16 10.37
C LEU A 169 -39.82 -3.31 11.30
N ALA A 170 -40.63 -2.26 11.36
CA ALA A 170 -41.81 -2.28 12.21
C ALA A 170 -42.89 -3.26 11.71
N GLU A 171 -43.17 -3.29 10.41
CA GLU A 171 -44.27 -4.15 9.93
C GLU A 171 -43.90 -5.59 9.62
N VAL A 172 -42.66 -5.83 9.21
CA VAL A 172 -42.24 -7.16 8.80
C VAL A 172 -41.22 -7.76 9.77
N GLY A 173 -40.45 -6.93 10.50
CA GLY A 173 -39.43 -7.44 11.43
C GLY A 173 -38.03 -7.57 10.82
N ILE A 174 -37.86 -7.02 9.62
CA ILE A 174 -36.58 -7.03 8.94
C ILE A 174 -36.52 -5.82 8.00
N GLY A 175 -35.32 -5.34 7.75
CA GLY A 175 -35.10 -4.26 6.78
C GLY A 175 -33.69 -4.32 6.19
N PHE A 176 -33.48 -3.62 5.08
CA PHE A 176 -32.20 -3.65 4.40
C PHE A 176 -31.80 -2.22 4.01
N CYS A 177 -30.64 -1.79 4.50
CA CYS A 177 -30.07 -0.50 4.19
C CYS A 177 -29.16 -0.62 2.96
N PHE A 178 -29.58 -0.05 1.85
CA PHE A 178 -28.79 -0.14 0.62
C PHE A 178 -27.60 0.81 0.77
N ALA A 179 -26.36 0.30 0.77
CA ALA A 179 -25.16 1.13 1.05
C ALA A 179 -25.02 2.41 0.26
N PRO A 180 -25.24 2.36 -1.08
CA PRO A 180 -25.11 3.57 -1.87
C PRO A 180 -26.10 4.66 -1.49
N ARG A 181 -27.23 4.27 -0.91
CA ARG A 181 -28.21 5.22 -0.45
C ARG A 181 -27.85 5.87 0.88
N PHE A 182 -27.33 5.08 1.82
CA PHE A 182 -27.06 5.57 3.16
C PHE A 182 -25.65 6.18 3.29
N HIS A 183 -24.74 5.68 2.45
CA HIS A 183 -23.34 6.11 2.43
C HIS A 183 -22.88 6.72 1.09
N PRO A 184 -23.57 7.74 0.59
CA PRO A 184 -23.19 8.29 -0.71
C PRO A 184 -21.77 8.87 -0.80
N SER A 185 -21.26 9.38 0.33
CA SER A 185 -19.94 9.99 0.36
C SER A 185 -18.79 8.96 0.37
N TYR A 186 -19.12 7.69 0.52
CA TYR A 186 -18.19 6.58 0.37
C TYR A 186 -17.87 6.22 -1.10
N ARG A 187 -18.53 6.83 -2.07
CA ARG A 187 -18.33 6.41 -3.47
C ARG A 187 -16.88 6.57 -3.97
N HIS A 188 -16.15 7.52 -3.44
CA HIS A 188 -14.76 7.73 -3.86
C HIS A 188 -13.93 6.53 -3.44
N ALA A 189 -14.06 6.15 -2.16
CA ALA A 189 -13.38 4.95 -1.66
C ALA A 189 -13.82 3.67 -2.37
N ALA A 190 -15.10 3.55 -2.69
CA ALA A 190 -15.63 2.32 -3.29
C ALA A 190 -15.06 2.11 -4.71
N ALA A 191 -14.97 3.20 -5.46
CA ALA A 191 -14.36 3.15 -6.81
C ALA A 191 -12.91 2.71 -6.73
N VAL A 192 -12.16 3.22 -5.76
CA VAL A 192 -10.77 2.78 -5.58
C VAL A 192 -10.67 1.29 -5.15
N ALA A 193 -11.49 0.90 -4.20
CA ALA A 193 -11.57 -0.53 -3.78
C ALA A 193 -11.83 -1.49 -4.96
N ARG A 194 -12.66 -1.07 -5.89
CA ARG A 194 -12.94 -1.87 -7.09
C ARG A 194 -11.74 -1.88 -8.02
N GLU A 195 -11.17 -0.71 -8.25
CA GLU A 195 -10.00 -0.64 -9.11
C GLU A 195 -8.83 -1.51 -8.68
N ILE A 196 -8.61 -1.71 -7.39
CA ILE A 196 -7.45 -2.48 -6.97
C ILE A 196 -7.72 -3.97 -6.80
N GLY A 197 -8.98 -4.34 -6.63
CA GLY A 197 -9.38 -5.73 -6.58
C GLY A 197 -9.17 -6.39 -5.23
N VAL A 198 -7.99 -6.26 -4.66
CA VAL A 198 -7.67 -7.01 -3.45
C VAL A 198 -8.42 -6.50 -2.21
N PRO A 199 -8.72 -7.40 -1.26
CA PRO A 199 -9.35 -6.98 -0.02
C PRO A 199 -8.43 -6.10 0.80
N THR A 200 -8.99 -5.07 1.42
CA THR A 200 -8.23 -4.18 2.28
C THR A 200 -8.98 -3.97 3.59
N VAL A 201 -8.40 -3.14 4.45
CA VAL A 201 -9.08 -2.69 5.64
C VAL A 201 -10.49 -2.13 5.37
N PHE A 202 -10.72 -1.51 4.21
CA PHE A 202 -12.08 -1.02 3.88
C PHE A 202 -13.16 -2.11 3.95
N ASN A 203 -12.81 -3.37 3.70
CA ASN A 203 -13.75 -4.50 3.77
C ASN A 203 -14.34 -4.74 5.15
N LEU A 204 -13.63 -4.32 6.20
CA LEU A 204 -14.16 -4.40 7.56
C LEU A 204 -15.25 -3.39 7.89
N LEU A 205 -15.46 -2.41 7.03
CA LEU A 205 -16.30 -1.28 7.34
C LEU A 205 -17.80 -1.55 7.26
N GLY A 206 -18.23 -2.41 6.33
CA GLY A 206 -19.66 -2.71 6.19
C GLY A 206 -20.33 -3.00 7.53
N PRO A 207 -19.84 -4.01 8.25
CA PRO A 207 -20.47 -4.34 9.56
C PRO A 207 -20.36 -3.28 10.65
N LEU A 208 -19.41 -2.37 10.51
CA LEU A 208 -19.17 -1.36 11.53
C LEU A 208 -19.82 -0.05 11.21
N THR A 209 -20.45 0.03 10.04
CA THR A 209 -21.12 1.26 9.62
C THR A 209 -22.56 1.01 9.20
N ASN A 210 -23.15 -0.06 9.72
CA ASN A 210 -24.57 -0.32 9.46
C ASN A 210 -25.33 0.90 9.90
N PRO A 211 -26.09 1.52 9.00
CA PRO A 211 -26.67 2.83 9.34
C PRO A 211 -27.74 2.77 10.39
N ALA A 212 -28.31 1.59 10.60
CA ALA A 212 -29.32 1.44 11.63
C ALA A 212 -28.68 1.26 13.00
N ARG A 213 -27.36 1.04 13.01
CA ARG A 213 -26.59 0.86 14.24
C ARG A 213 -27.14 -0.18 15.20
N PRO A 214 -27.37 -1.39 14.71
CA PRO A 214 -27.79 -2.46 15.62
C PRO A 214 -26.74 -2.71 16.70
N ARG A 215 -27.15 -3.07 17.90
CA ARG A 215 -26.21 -3.23 18.99
C ARG A 215 -25.78 -4.68 19.16
N ALA A 216 -26.32 -5.56 18.33
CA ALA A 216 -25.98 -6.98 18.39
C ALA A 216 -25.85 -7.55 17.00
N GLY A 217 -25.26 -8.74 16.90
CA GLY A 217 -25.01 -9.32 15.60
C GLY A 217 -24.16 -10.57 15.57
N LEU A 218 -24.25 -11.27 14.45
CA LEU A 218 -23.29 -12.32 14.12
C LEU A 218 -22.48 -11.73 12.96
N ILE A 219 -21.18 -11.58 13.17
CA ILE A 219 -20.32 -10.92 12.18
C ILE A 219 -19.20 -11.87 11.81
N GLY A 220 -19.16 -12.26 10.55
CA GLY A 220 -18.13 -13.15 10.09
C GLY A 220 -16.98 -12.43 9.40
N CYS A 221 -15.79 -12.93 9.61
CA CYS A 221 -14.61 -12.45 8.93
C CYS A 221 -13.73 -13.61 8.43
N ALA A 222 -13.24 -13.49 7.21
CA ALA A 222 -12.33 -14.47 6.59
C ALA A 222 -10.94 -14.57 7.21
N PHE A 223 -10.50 -13.54 7.96
CA PHE A 223 -9.14 -13.53 8.56
C PHE A 223 -9.14 -13.37 10.09
N ALA A 224 -8.47 -14.32 10.75
CA ALA A 224 -8.46 -14.43 12.21
C ALA A 224 -8.00 -13.17 12.92
N ASP A 225 -6.97 -12.56 12.38
CA ASP A 225 -6.40 -11.36 12.95
C ASP A 225 -7.36 -10.19 12.81
N LEU A 226 -8.02 -10.06 11.66
CA LEU A 226 -8.97 -8.96 11.45
C LEU A 226 -10.31 -9.16 12.23
N ALA A 227 -10.76 -10.41 12.33
CA ALA A 227 -11.88 -10.74 13.19
C ALA A 227 -11.63 -10.24 14.60
N GLU A 228 -10.42 -10.46 15.11
CA GLU A 228 -10.11 -10.07 16.47
C GLU A 228 -10.11 -8.55 16.60
N VAL A 229 -9.59 -7.86 15.57
CA VAL A 229 -9.66 -6.40 15.51
C VAL A 229 -11.13 -5.94 15.55
N MET A 230 -11.97 -6.52 14.69
CA MET A 230 -13.38 -6.17 14.66
C MET A 230 -14.06 -6.33 16.03
N ALA A 231 -13.71 -7.39 16.74
CA ALA A 231 -14.24 -7.64 18.08
C ALA A 231 -13.87 -6.54 19.05
N GLY A 232 -12.65 -6.02 18.93
CA GLY A 232 -12.24 -4.88 19.75
C GLY A 232 -13.08 -3.66 19.44
N VAL A 233 -13.43 -3.43 18.19
CA VAL A 233 -14.25 -2.26 17.90
C VAL A 233 -15.64 -2.44 18.55
N PHE A 234 -16.25 -3.61 18.38
CA PHE A 234 -17.56 -3.90 18.99
C PHE A 234 -17.52 -3.86 20.52
N ALA A 235 -16.42 -4.36 21.09
CA ALA A 235 -16.23 -4.33 22.54
C ALA A 235 -16.25 -2.87 23.00
N ALA A 236 -15.49 -2.01 22.30
CA ALA A 236 -15.46 -0.57 22.62
C ALA A 236 -16.83 0.07 22.52
N ARG A 237 -17.71 -0.44 21.65
CA ARG A 237 -19.09 0.08 21.56
C ARG A 237 -20.06 -0.56 22.53
N ARG A 238 -19.60 -1.54 23.30
CA ARG A 238 -20.46 -2.32 24.21
C ARG A 238 -21.58 -3.03 23.48
N SER A 239 -21.32 -3.45 22.24
CA SER A 239 -22.25 -4.24 21.49
C SER A 239 -22.28 -5.68 22.03
N SER A 240 -23.34 -6.42 21.78
CA SER A 240 -23.35 -7.86 22.07
C SER A 240 -23.22 -8.63 20.77
N VAL A 241 -22.02 -9.08 20.45
CA VAL A 241 -21.75 -9.68 19.16
C VAL A 241 -20.96 -10.99 19.27
N LEU A 242 -21.14 -11.85 18.28
CA LEU A 242 -20.24 -12.94 18.04
C LEU A 242 -19.54 -12.63 16.74
N VAL A 243 -18.23 -12.42 16.82
CA VAL A 243 -17.41 -12.29 15.61
C VAL A 243 -16.86 -13.67 15.31
N VAL A 244 -17.10 -14.15 14.09
CA VAL A 244 -16.84 -15.55 13.80
C VAL A 244 -15.89 -15.71 12.63
N HIS A 245 -15.00 -16.69 12.76
CA HIS A 245 -14.06 -17.04 11.70
C HIS A 245 -14.01 -18.57 11.58
N GLY A 246 -14.40 -19.08 10.41
CA GLY A 246 -14.27 -20.51 10.12
C GLY A 246 -12.79 -20.85 10.01
N ASP A 247 -12.35 -21.95 10.62
CA ASP A 247 -10.91 -22.29 10.62
C ASP A 247 -10.49 -22.87 9.28
N ASP A 248 -11.44 -22.89 8.34
CA ASP A 248 -11.24 -23.14 6.90
C ASP A 248 -11.22 -21.83 6.10
N GLY A 249 -11.32 -20.68 6.76
CA GLY A 249 -11.29 -19.37 6.07
C GLY A 249 -12.64 -18.74 5.70
N LEU A 250 -13.74 -19.38 6.06
CA LEU A 250 -15.08 -18.86 5.71
C LEU A 250 -15.43 -17.66 6.61
N ASP A 251 -16.12 -16.66 6.08
CA ASP A 251 -16.54 -15.52 6.91
C ASP A 251 -17.91 -15.77 7.57
N GLU A 252 -18.13 -16.99 8.03
CA GLU A 252 -19.41 -17.44 8.59
C GLU A 252 -19.11 -18.64 9.47
N LEU A 253 -20.06 -19.08 10.30
CA LEU A 253 -19.85 -20.29 11.08
C LEU A 253 -19.95 -21.42 10.08
N THR A 254 -18.91 -22.26 10.03
CA THR A 254 -18.87 -23.33 9.04
C THR A 254 -19.33 -24.66 9.66
N THR A 255 -19.83 -25.55 8.79
CA THR A 255 -20.03 -26.96 9.13
C THR A 255 -18.91 -27.86 8.55
N THR A 256 -17.98 -27.28 7.82
CA THR A 256 -16.86 -27.99 7.20
C THR A 256 -15.76 -28.33 8.18
N THR A 257 -15.55 -27.45 9.16
CA THR A 257 -14.62 -27.72 10.25
C THR A 257 -15.01 -26.88 11.45
N THR A 258 -14.05 -26.68 12.33
CA THR A 258 -14.24 -25.90 13.52
C THR A 258 -14.22 -24.38 13.20
N SER A 259 -14.57 -23.56 14.16
CA SER A 259 -14.59 -22.11 13.98
C SER A 259 -14.05 -21.43 15.22
N THR A 260 -13.42 -20.29 15.04
CA THR A 260 -13.12 -19.42 16.18
C THR A 260 -14.21 -18.37 16.34
N ILE A 261 -14.58 -18.13 17.57
CA ILE A 261 -15.57 -17.14 17.90
C ILE A 261 -15.08 -16.22 18.98
N TRP A 262 -15.21 -14.92 18.72
CA TRP A 262 -14.96 -13.91 19.72
C TRP A 262 -16.30 -13.51 20.29
N ARG A 263 -16.55 -13.84 21.55
CA ARG A 263 -17.79 -13.51 22.23
C ARG A 263 -17.64 -12.14 22.89
N VAL A 264 -18.32 -11.15 22.32
CA VAL A 264 -18.22 -9.76 22.78
C VAL A 264 -19.51 -9.43 23.51
N ALA A 265 -19.39 -9.14 24.80
CA ALA A 265 -20.52 -8.61 25.60
C ALA A 265 -19.98 -7.74 26.75
N ALA A 266 -20.73 -6.71 27.12
CA ALA A 266 -20.34 -5.81 28.21
C ALA A 266 -18.89 -5.33 28.10
N GLY A 267 -18.43 -4.96 26.90
CA GLY A 267 -17.11 -4.35 26.69
C GLY A 267 -15.89 -5.26 26.81
N SER A 268 -16.11 -6.56 27.06
CA SER A 268 -15.01 -7.54 27.14
C SER A 268 -15.28 -8.73 26.21
N VAL A 269 -14.23 -9.51 25.96
CA VAL A 269 -14.12 -10.38 24.81
C VAL A 269 -13.55 -11.74 25.19
N ASP A 270 -14.34 -12.79 25.02
CA ASP A 270 -13.87 -14.17 25.21
C ASP A 270 -13.65 -14.82 23.84
N LYS A 271 -12.42 -15.25 23.58
CA LYS A 271 -12.12 -16.00 22.38
C LYS A 271 -12.30 -17.50 22.65
N LEU A 272 -12.98 -18.20 21.75
CA LEU A 272 -13.42 -19.58 21.95
C LEU A 272 -13.21 -20.39 20.68
N THR A 273 -13.06 -21.70 20.83
CA THR A 273 -13.17 -22.61 19.70
C THR A 273 -14.59 -23.16 19.65
N PHE A 274 -15.05 -23.44 18.44
CA PHE A 274 -16.43 -23.86 18.24
C PHE A 274 -16.47 -25.01 17.26
N ASP A 275 -17.03 -26.12 17.70
CA ASP A 275 -17.16 -27.31 16.87
C ASP A 275 -18.63 -27.68 16.73
N PRO A 276 -19.17 -27.52 15.53
CA PRO A 276 -20.57 -27.87 15.29
C PRO A 276 -20.93 -29.34 15.61
N ALA A 277 -19.94 -30.24 15.58
CA ALA A 277 -20.16 -31.67 15.85
C ALA A 277 -20.65 -31.91 17.28
N GLY A 278 -20.27 -31.08 18.23
CA GLY A 278 -20.82 -31.17 19.60
C GLY A 278 -22.30 -30.83 19.74
N PHE A 279 -22.95 -30.36 18.67
CA PHE A 279 -24.41 -30.22 18.62
C PHE A 279 -25.02 -31.21 17.62
N GLY A 280 -24.22 -32.13 17.12
CA GLY A 280 -24.72 -33.20 16.28
C GLY A 280 -24.61 -32.96 14.79
N PHE A 281 -23.99 -31.84 14.40
CA PHE A 281 -23.89 -31.48 12.97
C PHE A 281 -22.85 -32.31 12.22
N ALA A 282 -23.25 -32.86 11.07
CA ALA A 282 -22.30 -33.59 10.23
C ALA A 282 -21.31 -32.68 9.50
N ARG A 283 -20.10 -33.18 9.27
CA ARG A 283 -19.10 -32.50 8.46
C ARG A 283 -19.51 -32.45 6.98
N ALA A 284 -19.53 -31.25 6.43
CA ALA A 284 -19.90 -31.04 5.03
C ALA A 284 -18.67 -30.70 4.19
N GLN A 285 -18.80 -30.73 2.86
CA GLN A 285 -17.75 -30.25 1.96
CA GLN A 285 -17.75 -30.25 1.96
C GLN A 285 -17.93 -28.75 1.70
N LEU A 286 -16.84 -28.01 1.58
CA LEU A 286 -16.91 -26.57 1.32
C LEU A 286 -17.70 -26.28 0.06
N ASP A 287 -17.43 -27.05 -1.00
CA ASP A 287 -18.13 -26.86 -2.28
C ASP A 287 -19.67 -26.91 -2.14
N GLN A 288 -20.16 -27.60 -1.10
CA GLN A 288 -21.60 -27.65 -0.82
C GLN A 288 -22.16 -26.32 -0.30
N LEU A 289 -21.40 -25.63 0.56
CA LEU A 289 -21.89 -24.42 1.23
C LEU A 289 -21.82 -23.15 0.36
N ALA A 290 -21.30 -23.28 -0.85
CA ALA A 290 -21.14 -22.14 -1.75
C ALA A 290 -22.13 -22.28 -2.88
N GLY A 291 -22.22 -21.25 -3.72
CA GLY A 291 -23.15 -21.27 -4.85
C GLY A 291 -23.27 -19.89 -5.44
N GLY A 292 -23.47 -19.82 -6.75
CA GLY A 292 -23.13 -18.65 -7.55
C GLY A 292 -24.05 -17.44 -7.60
N ASP A 293 -24.80 -17.36 -8.68
CA ASP A 293 -25.42 -16.10 -9.09
C ASP A 293 -26.86 -15.91 -8.54
N ALA A 294 -27.46 -14.76 -8.86
CA ALA A 294 -28.68 -14.31 -8.23
C ALA A 294 -29.80 -15.36 -8.23
N GLN A 295 -30.13 -15.90 -9.41
CA GLN A 295 -31.30 -16.77 -9.59
C GLN A 295 -31.12 -18.15 -8.94
N ALA A 296 -29.87 -18.62 -8.87
CA ALA A 296 -29.55 -19.88 -8.20
C ALA A 296 -29.52 -19.69 -6.69
N ASN A 297 -29.01 -18.55 -6.21
CA ASN A 297 -29.14 -18.23 -4.79
C ASN A 297 -30.60 -18.09 -4.36
N ALA A 298 -31.45 -17.47 -5.19
CA ALA A 298 -32.87 -17.36 -4.89
C ALA A 298 -33.51 -18.75 -4.75
N ALA A 299 -33.18 -19.65 -5.68
CA ALA A 299 -33.68 -21.02 -5.67
C ALA A 299 -33.22 -21.78 -4.42
N ALA A 300 -31.99 -21.51 -3.97
CA ALA A 300 -31.44 -22.14 -2.76
C ALA A 300 -32.15 -21.60 -1.50
N VAL A 301 -32.49 -20.32 -1.51
CA VAL A 301 -33.28 -19.72 -0.42
C VAL A 301 -34.67 -20.36 -0.35
N ARG A 302 -35.32 -20.49 -1.49
CA ARG A 302 -36.66 -21.07 -1.52
C ARG A 302 -36.68 -22.49 -1.01
N ALA A 303 -35.69 -23.28 -1.42
CA ALA A 303 -35.52 -24.65 -0.95
C ALA A 303 -35.34 -24.70 0.58
N VAL A 304 -34.38 -23.95 1.11
CA VAL A 304 -34.12 -24.01 2.53
C VAL A 304 -35.31 -23.57 3.36
N LEU A 305 -35.95 -22.48 2.97
CA LEU A 305 -37.12 -22.00 3.72
C LEU A 305 -38.31 -22.95 3.56
N GLY A 306 -38.31 -23.69 2.46
CA GLY A 306 -39.34 -24.66 2.17
C GLY A 306 -39.13 -25.96 2.91
N GLY A 307 -37.96 -26.13 3.52
CA GLY A 307 -37.73 -27.21 4.48
C GLY A 307 -36.71 -28.24 4.04
N ALA A 308 -36.02 -28.02 2.92
CA ALA A 308 -35.03 -28.96 2.43
C ALA A 308 -33.88 -29.06 3.42
N ARG A 309 -33.46 -30.30 3.68
CA ARG A 309 -32.41 -30.62 4.63
CA ARG A 309 -32.40 -30.62 4.63
C ARG A 309 -31.13 -30.78 3.85
N GLY A 310 -30.01 -30.78 4.57
CA GLY A 310 -28.70 -30.83 3.96
C GLY A 310 -27.78 -29.84 4.63
N PRO A 311 -26.55 -29.71 4.10
CA PRO A 311 -25.55 -28.83 4.70
C PRO A 311 -25.89 -27.34 4.63
N VAL A 312 -26.63 -26.93 3.61
CA VAL A 312 -26.99 -25.52 3.47
C VAL A 312 -27.95 -25.14 4.60
N ARG A 313 -29.00 -25.94 4.81
CA ARG A 313 -29.88 -25.72 5.95
C ARG A 313 -29.10 -25.68 7.25
N ASP A 314 -28.17 -26.63 7.44
CA ASP A 314 -27.38 -26.70 8.67
C ASP A 314 -26.57 -25.44 8.89
N ALA A 315 -25.88 -24.94 7.86
CA ALA A 315 -25.09 -23.73 8.03
C ALA A 315 -26.01 -22.52 8.33
N VAL A 316 -27.15 -22.45 7.67
CA VAL A 316 -28.15 -21.40 7.97
C VAL A 316 -28.58 -21.45 9.45
N VAL A 317 -28.92 -22.64 9.94
CA VAL A 317 -29.41 -22.81 11.30
C VAL A 317 -28.32 -22.43 12.31
N LEU A 318 -27.10 -22.81 12.00
CA LEU A 318 -25.96 -22.52 12.85
C LEU A 318 -25.73 -21.00 13.01
N ASN A 319 -25.78 -20.30 11.88
CA ASN A 319 -25.53 -18.87 11.89
C ASN A 319 -26.71 -18.06 12.44
N ALA A 320 -27.92 -18.45 12.09
CA ALA A 320 -29.12 -17.88 12.72
C ALA A 320 -29.04 -18.06 14.24
N ALA A 321 -28.69 -19.26 14.69
CA ALA A 321 -28.50 -19.52 16.13
C ALA A 321 -27.46 -18.63 16.79
N GLY A 322 -26.36 -18.37 16.08
CA GLY A 322 -25.34 -17.45 16.60
C GLY A 322 -25.88 -16.04 16.80
N ALA A 323 -26.69 -15.59 15.86
CA ALA A 323 -27.30 -14.25 15.95
C ALA A 323 -28.25 -14.18 17.15
N ILE A 324 -28.90 -15.31 17.42
CA ILE A 324 -29.89 -15.36 18.50
C ILE A 324 -29.18 -15.38 19.85
N VAL A 325 -28.03 -16.06 19.89
CA VAL A 325 -27.18 -16.07 21.06
C VAL A 325 -26.68 -14.64 21.34
N ALA A 326 -26.17 -13.96 20.31
CA ALA A 326 -25.76 -12.55 20.48
C ALA A 326 -26.88 -11.62 20.94
N HIS A 327 -28.08 -11.81 20.40
CA HIS A 327 -29.25 -11.03 20.78
C HIS A 327 -29.54 -11.28 22.26
N ALA A 328 -29.43 -12.53 22.70
CA ALA A 328 -29.67 -12.87 24.10
C ALA A 328 -28.66 -12.16 24.99
N GLY A 329 -27.42 -12.05 24.51
CA GLY A 329 -26.36 -11.31 25.23
C GLY A 329 -26.59 -9.84 25.50
N LEU A 330 -27.54 -9.20 24.82
CA LEU A 330 -27.99 -7.86 25.20
C LEU A 330 -28.69 -7.84 26.57
N SER A 331 -29.27 -8.97 27.00
CA SER A 331 -29.99 -9.06 28.29
C SER A 331 -29.23 -9.80 29.40
N SER A 332 -28.72 -10.99 29.08
CA SER A 332 -28.57 -12.03 30.10
C SER A 332 -27.14 -12.33 30.53
N ARG A 333 -26.24 -12.51 29.57
CA ARG A 333 -24.98 -13.22 29.83
C ARG A 333 -25.32 -14.66 30.28
N ALA A 334 -26.07 -15.36 29.45
CA ALA A 334 -26.49 -16.73 29.72
C ALA A 334 -25.39 -17.71 29.46
N GLU A 335 -25.58 -18.92 29.97
CA GLU A 335 -24.63 -20.00 29.78
C GLU A 335 -24.53 -20.33 28.32
N TRP A 336 -23.31 -20.53 27.86
CA TRP A 336 -22.97 -20.71 26.46
C TRP A 336 -23.78 -21.81 25.79
N LEU A 337 -23.64 -23.03 26.31
CA LEU A 337 -24.15 -24.23 25.64
C LEU A 337 -25.66 -24.28 25.57
N PRO A 338 -26.35 -23.99 26.68
CA PRO A 338 -27.81 -23.94 26.58
C PRO A 338 -28.34 -22.72 25.80
N ALA A 339 -27.53 -21.66 25.68
CA ALA A 339 -27.92 -20.53 24.87
C ALA A 339 -27.96 -20.99 23.44
N TRP A 340 -26.95 -21.75 23.05
CA TRP A 340 -26.86 -22.26 21.71
C TRP A 340 -27.92 -23.29 21.38
N GLU A 341 -28.21 -24.17 22.32
CA GLU A 341 -29.24 -25.18 22.09
C GLU A 341 -30.60 -24.53 21.84
N GLU A 342 -30.93 -23.53 22.64
CA GLU A 342 -32.19 -22.82 22.47
C GLU A 342 -32.20 -22.02 21.14
N GLY A 343 -31.07 -21.40 20.79
CA GLY A 343 -30.90 -20.77 19.49
C GLY A 343 -31.05 -21.72 18.31
N LEU A 344 -30.41 -22.90 18.38
CA LEU A 344 -30.53 -23.93 17.33
C LEU A 344 -31.98 -24.43 17.22
N ARG A 345 -32.65 -24.58 18.35
CA ARG A 345 -34.04 -24.98 18.35
C ARG A 345 -34.94 -23.88 17.78
N ARG A 346 -34.74 -22.64 18.23
CA ARG A 346 -35.50 -21.53 17.69
C ARG A 346 -35.32 -21.37 16.17
N ALA A 347 -34.10 -21.52 15.68
CA ALA A 347 -33.85 -21.42 14.23
C ALA A 347 -34.51 -22.55 13.42
N SER A 348 -34.41 -23.78 13.93
CA SER A 348 -35.03 -24.93 13.25
C SER A 348 -36.53 -24.79 13.19
N ALA A 349 -37.13 -24.40 14.31
CA ALA A 349 -38.55 -24.21 14.37
C ALA A 349 -39.02 -23.08 13.45
N ALA A 350 -38.24 -22.02 13.32
CA ALA A 350 -38.64 -20.92 12.42
C ALA A 350 -38.81 -21.43 11.00
N ILE A 351 -37.93 -22.32 10.59
CA ILE A 351 -38.10 -22.95 9.30
C ILE A 351 -39.24 -23.95 9.27
N ASP A 352 -39.27 -24.88 10.20
CA ASP A 352 -40.20 -26.02 10.09
C ASP A 352 -41.64 -25.64 10.39
N THR A 353 -41.87 -24.55 11.11
CA THR A 353 -43.23 -24.05 11.24
C THR A 353 -43.71 -23.34 9.98
N GLY A 354 -42.80 -23.06 9.05
CA GLY A 354 -43.11 -22.22 7.89
C GLY A 354 -42.95 -20.72 8.18
N ALA A 355 -42.59 -20.37 9.40
CA ALA A 355 -42.53 -18.95 9.79
C ALA A 355 -41.51 -18.20 8.92
N ALA A 356 -40.41 -18.85 8.57
CA ALA A 356 -39.38 -18.19 7.78
C ALA A 356 -39.80 -17.96 6.32
N GLU A 357 -40.41 -18.97 5.71
CA GLU A 357 -40.94 -18.83 4.35
C GLU A 357 -42.00 -17.72 4.30
N GLN A 358 -42.84 -17.69 5.34
CA GLN A 358 -43.90 -16.70 5.47
C GLN A 358 -43.37 -15.28 5.67
N LEU A 359 -42.29 -15.13 6.43
CA LEU A 359 -41.73 -13.82 6.67
C LEU A 359 -41.16 -13.26 5.37
N LEU A 360 -40.46 -14.10 4.61
CA LEU A 360 -40.00 -13.69 3.30
C LEU A 360 -41.15 -13.21 2.44
N ALA A 361 -42.26 -13.95 2.43
CA ALA A 361 -43.45 -13.53 1.67
C ALA A 361 -43.96 -12.19 2.15
N ARG A 362 -43.96 -11.98 3.47
CA ARG A 362 -44.46 -10.72 4.05
C ARG A 362 -43.55 -9.57 3.65
N TRP A 363 -42.26 -9.87 3.51
CA TRP A 363 -41.26 -8.86 3.13
C TRP A 363 -41.45 -8.44 1.68
N VAL A 364 -41.68 -9.43 0.82
CA VAL A 364 -41.95 -9.21 -0.60
C VAL A 364 -43.23 -8.43 -0.75
N ARG A 365 -44.28 -8.83 -0.02
CA ARG A 365 -45.55 -8.10 0.01
C ARG A 365 -45.45 -6.60 0.43
N PHE A 366 -44.75 -6.35 1.54
CA PHE A 366 -44.46 -4.99 1.98
C PHE A 366 -43.82 -4.15 0.85
N GLY A 367 -42.77 -4.66 0.20
CA GLY A 367 -42.17 -3.94 -0.90
C GLY A 367 -43.13 -3.59 -2.02
N ARG A 368 -44.00 -4.54 -2.41
CA ARG A 368 -45.01 -4.32 -3.45
C ARG A 368 -46.10 -3.31 -3.06
N GLN A 369 -46.31 -3.06 -1.76
CA GLN A 369 -47.30 -2.07 -1.31
C GLN A 369 -46.76 -0.65 -1.40
N ILE A 370 -45.46 -0.48 -1.63
CA ILE A 370 -44.91 0.86 -1.63
C ILE A 370 -45.48 1.69 -2.81
N LEU A 371 -45.57 1.10 -3.99
CA LEU A 371 -46.36 1.68 -5.08
C LEU A 371 -47.85 1.76 -4.65
N PRO B 25 -1.28 -12.33 -16.50
CA PRO B 25 -1.14 -11.51 -15.29
C PRO B 25 -2.26 -10.50 -15.10
N SER B 26 -2.48 -10.08 -13.86
CA SER B 26 -3.49 -9.07 -13.59
C SER B 26 -3.15 -8.33 -12.33
N TRP B 27 -3.76 -7.17 -12.16
CA TRP B 27 -3.54 -6.38 -10.94
C TRP B 27 -4.00 -7.07 -9.69
N PRO B 28 -5.24 -7.63 -9.69
CA PRO B 28 -5.68 -8.37 -8.50
C PRO B 28 -4.71 -9.49 -8.09
N GLN B 29 -4.16 -10.19 -9.07
CA GLN B 29 -3.24 -11.28 -8.79
C GLN B 29 -1.89 -10.74 -8.23
N ILE B 30 -1.35 -9.71 -8.84
CA ILE B 30 -0.04 -9.18 -8.45
C ILE B 30 -0.13 -8.46 -7.09
N LEU B 31 -1.13 -7.61 -6.93
CA LEU B 31 -1.33 -6.91 -5.66
C LEU B 31 -1.70 -7.89 -4.55
N GLY B 32 -2.47 -8.93 -4.84
CA GLY B 32 -2.81 -9.92 -3.81
C GLY B 32 -1.55 -10.61 -3.34
N ARG B 33 -0.69 -10.94 -4.29
CA ARG B 33 0.59 -11.58 -3.97
C ARG B 33 1.49 -10.67 -3.09
N LEU B 34 1.60 -9.39 -3.44
CA LEU B 34 2.40 -8.45 -2.64
C LEU B 34 1.81 -8.21 -1.25
N THR B 35 0.49 -8.03 -1.17
CA THR B 35 -0.16 -7.79 0.13
C THR B 35 -0.12 -9.05 0.99
N ASP B 36 0.06 -10.22 0.39
CA ASP B 36 0.32 -11.43 1.15
C ASP B 36 1.82 -11.58 1.47
N ASN B 37 2.60 -10.52 1.24
CA ASN B 37 4.01 -10.52 1.56
C ASN B 37 4.81 -11.56 0.77
N ARG B 38 4.42 -11.81 -0.47
CA ARG B 38 5.14 -12.75 -1.31
C ARG B 38 5.86 -12.10 -2.47
N ASP B 39 7.06 -12.60 -2.74
CA ASP B 39 7.82 -12.21 -3.92
C ASP B 39 7.03 -12.54 -5.17
N LEU B 40 7.17 -11.72 -6.21
CA LEU B 40 6.44 -11.95 -7.45
C LEU B 40 7.11 -13.05 -8.24
N ALA B 41 6.36 -13.72 -9.09
CA ALA B 41 6.93 -14.67 -10.01
C ALA B 41 7.70 -13.87 -11.08
N ARG B 42 8.66 -14.52 -11.73
CA ARG B 42 9.42 -13.87 -12.80
C ARG B 42 8.46 -13.32 -13.88
N GLY B 43 8.68 -12.08 -14.33
CA GLY B 43 7.86 -11.46 -15.37
C GLY B 43 6.72 -10.60 -14.84
N GLN B 44 6.29 -10.77 -13.58
CA GLN B 44 5.13 -10.03 -13.08
C GLN B 44 5.42 -8.55 -12.81
N ALA B 45 6.57 -8.25 -12.20
CA ALA B 45 7.04 -6.86 -12.06
C ALA B 45 7.13 -6.19 -13.41
N ALA B 46 7.72 -6.88 -14.38
CA ALA B 46 7.82 -6.33 -15.75
C ALA B 46 6.48 -5.99 -16.35
N TRP B 47 5.51 -6.89 -16.18
CA TRP B 47 4.13 -6.67 -16.69
C TRP B 47 3.53 -5.42 -16.07
N ALA B 48 3.59 -5.34 -14.74
CA ALA B 48 3.06 -4.18 -14.05
C ALA B 48 3.72 -2.91 -14.51
N MET B 49 5.04 -2.91 -14.54
CA MET B 49 5.75 -1.71 -14.95
C MET B 49 5.40 -1.33 -16.40
N ASP B 50 5.27 -2.34 -17.26
CA ASP B 50 4.88 -2.05 -18.65
C ASP B 50 3.46 -1.47 -18.72
N GLN B 51 2.55 -1.95 -17.89
CA GLN B 51 1.21 -1.33 -17.80
C GLN B 51 1.30 0.14 -17.38
N ILE B 52 2.10 0.37 -16.34
CA ILE B 52 2.33 1.73 -15.83
C ILE B 52 2.91 2.63 -16.93
N MET B 53 3.85 2.12 -17.70
CA MET B 53 4.59 2.93 -18.70
C MET B 53 3.80 3.19 -19.98
N THR B 54 2.75 2.40 -20.24
CA THR B 54 1.93 2.59 -21.42
C THR B 54 0.66 3.39 -21.14
N GLY B 55 0.50 3.93 -19.93
CA GLY B 55 -0.71 4.62 -19.55
C GLY B 55 -1.92 3.72 -19.28
N ASN B 56 -1.73 2.41 -19.19
CA ASN B 56 -2.82 1.47 -18.94
C ASN B 56 -3.17 1.18 -17.47
N ALA B 57 -2.37 1.67 -16.53
CA ALA B 57 -2.69 1.46 -15.13
C ALA B 57 -3.41 2.68 -14.56
N ARG B 58 -4.45 2.43 -13.79
CA ARG B 58 -5.16 3.49 -13.11
C ARG B 58 -4.29 4.03 -11.97
N PRO B 59 -4.40 5.33 -11.68
CA PRO B 59 -3.63 5.89 -10.55
C PRO B 59 -3.69 5.08 -9.23
N ALA B 60 -4.83 4.50 -8.91
CA ALA B 60 -4.97 3.67 -7.70
C ALA B 60 -4.16 2.38 -7.78
N GLN B 61 -4.06 1.84 -8.97
CA GLN B 61 -3.30 0.62 -9.20
C GLN B 61 -1.81 0.90 -9.10
N ILE B 62 -1.40 2.00 -9.70
CA ILE B 62 -0.01 2.40 -9.64
C ILE B 62 0.37 2.55 -8.18
N ALA B 63 -0.46 3.28 -7.43
CA ALA B 63 -0.18 3.54 -6.01
C ALA B 63 -0.19 2.25 -5.19
N ALA B 64 -1.20 1.43 -5.41
CA ALA B 64 -1.28 0.16 -4.72
C ALA B 64 0.00 -0.64 -4.94
N PHE B 65 0.45 -0.73 -6.16
CA PHE B 65 1.64 -1.51 -6.50
C PHE B 65 2.91 -0.93 -5.84
N ALA B 66 3.10 0.37 -5.95
CA ALA B 66 4.30 1.01 -5.38
C ALA B 66 4.40 0.78 -3.88
N VAL B 67 3.27 0.96 -3.20
CA VAL B 67 3.20 0.83 -1.76
C VAL B 67 3.38 -0.61 -1.31
N ALA B 68 2.66 -1.54 -1.94
CA ALA B 68 2.75 -2.96 -1.54
C ALA B 68 4.16 -3.55 -1.78
N MET B 69 4.76 -3.21 -2.90
CA MET B 69 6.13 -3.61 -3.25
C MET B 69 7.11 -3.07 -2.21
N THR B 70 6.95 -1.78 -1.86
CA THR B 70 7.78 -1.18 -0.83
C THR B 70 7.66 -1.94 0.47
N MET B 71 6.42 -2.22 0.90
CA MET B 71 6.20 -2.85 2.21
C MET B 71 6.55 -4.33 2.25
N LYS B 72 6.36 -5.05 1.16
CA LYS B 72 6.91 -6.42 1.09
C LYS B 72 8.46 -6.38 1.09
N ALA B 73 9.05 -5.37 0.47
CA ALA B 73 10.51 -5.24 0.33
C ALA B 73 10.86 -5.84 -1.02
N PRO B 74 11.21 -4.99 -1.97
CA PRO B 74 11.43 -5.54 -3.31
C PRO B 74 12.68 -6.40 -3.39
N THR B 75 12.75 -7.37 -4.29
CA THR B 75 14.03 -8.09 -4.52
C THR B 75 14.77 -7.45 -5.70
N ALA B 76 16.05 -7.78 -5.80
CA ALA B 76 16.88 -7.43 -6.93
C ALA B 76 16.29 -7.86 -8.28
N ASP B 77 15.77 -9.08 -8.39
CA ASP B 77 15.11 -9.50 -9.65
C ASP B 77 13.90 -8.61 -9.98
N GLU B 78 13.12 -8.25 -8.96
CA GLU B 78 11.94 -7.42 -9.18
C GLU B 78 12.38 -6.04 -9.65
N VAL B 79 13.34 -5.45 -8.96
CA VAL B 79 13.81 -4.10 -9.33
C VAL B 79 14.50 -4.09 -10.71
N GLY B 80 15.23 -5.15 -11.06
CA GLY B 80 15.82 -5.24 -12.41
C GLY B 80 14.76 -5.26 -13.51
N GLU B 81 13.63 -5.88 -13.22
CA GLU B 81 12.55 -5.90 -14.17
C GLU B 81 11.92 -4.50 -14.27
N LEU B 82 11.71 -3.84 -13.12
CA LEU B 82 11.11 -2.51 -13.17
C LEU B 82 12.03 -1.55 -13.95
N ALA B 83 13.30 -1.57 -13.61
CA ALA B 83 14.30 -0.70 -14.28
C ALA B 83 14.45 -1.01 -15.75
N GLY B 84 14.51 -2.31 -16.08
CA GLY B 84 14.68 -2.71 -17.46
C GLY B 84 13.48 -2.33 -18.31
N VAL B 85 12.28 -2.52 -17.81
CA VAL B 85 11.10 -2.12 -18.61
C VAL B 85 11.11 -0.62 -18.79
N MET B 86 11.39 0.12 -17.73
CA MET B 86 11.46 1.58 -17.81
C MET B 86 12.48 2.04 -18.83
N LEU B 87 13.67 1.47 -18.75
CA LEU B 87 14.71 1.78 -19.78
C LEU B 87 14.27 1.48 -21.20
N SER B 88 13.51 0.41 -21.41
CA SER B 88 13.06 0.11 -22.76
C SER B 88 12.13 1.18 -23.35
N HIS B 89 11.57 2.06 -22.52
CA HIS B 89 10.70 3.13 -23.02
C HIS B 89 11.44 4.44 -23.10
N ALA B 90 12.70 4.47 -22.67
CA ALA B 90 13.46 5.71 -22.59
C ALA B 90 14.15 6.12 -23.91
N HIS B 91 14.37 7.42 -24.07
CA HIS B 91 15.18 7.91 -25.18
C HIS B 91 16.65 7.70 -24.84
N PRO B 92 17.40 7.08 -25.75
CA PRO B 92 18.84 6.94 -25.53
C PRO B 92 19.59 8.21 -25.94
N LEU B 93 20.88 8.24 -25.61
CA LEU B 93 21.77 9.21 -26.21
C LEU B 93 22.18 8.67 -27.57
N PRO B 94 22.59 9.54 -28.52
CA PRO B 94 23.02 9.08 -29.84
C PRO B 94 24.18 8.11 -29.73
N ALA B 95 24.26 7.17 -30.66
CA ALA B 95 25.19 6.05 -30.58
C ALA B 95 26.64 6.52 -30.50
N ASP B 96 27.41 5.88 -29.64
CA ASP B 96 28.83 6.19 -29.48
C ASP B 96 29.08 7.67 -29.21
N THR B 97 28.27 8.24 -28.31
CA THR B 97 28.51 9.58 -27.75
C THR B 97 28.81 9.56 -26.24
N VAL B 98 28.42 8.48 -25.57
CA VAL B 98 28.72 8.33 -24.14
C VAL B 98 30.04 7.59 -24.02
N PRO B 99 31.09 8.26 -23.49
CA PRO B 99 32.32 7.49 -23.36
C PRO B 99 32.10 6.23 -22.52
N ASP B 100 32.85 5.20 -22.86
CA ASP B 100 32.74 3.90 -22.24
C ASP B 100 32.94 3.87 -20.71
N ASP B 101 33.65 4.87 -20.20
CA ASP B 101 34.03 4.88 -18.82
C ASP B 101 33.35 6.03 -18.09
N ALA B 102 32.19 6.45 -18.56
CA ALA B 102 31.41 7.50 -17.89
C ALA B 102 30.87 6.99 -16.57
N VAL B 103 30.74 7.89 -15.59
CA VAL B 103 30.24 7.52 -14.29
C VAL B 103 29.06 8.40 -13.87
N ASP B 104 28.27 7.88 -12.94
CA ASP B 104 27.21 8.63 -12.28
C ASP B 104 27.58 8.82 -10.82
N VAL B 105 27.07 9.88 -10.21
CA VAL B 105 27.27 10.13 -8.78
C VAL B 105 25.94 10.60 -8.25
N VAL B 106 25.27 9.77 -7.44
CA VAL B 106 23.92 10.08 -7.05
C VAL B 106 23.50 9.27 -5.84
N GLY B 107 22.58 9.85 -5.06
CA GLY B 107 21.91 9.14 -3.98
C GLY B 107 20.42 8.98 -4.26
N THR B 108 19.78 7.96 -3.71
CA THR B 108 18.33 7.80 -3.90
C THR B 108 17.43 8.65 -2.98
N GLY B 109 18.02 9.45 -2.08
CA GLY B 109 17.23 10.33 -1.21
C GLY B 109 17.29 9.89 0.24
N GLY B 110 17.30 10.85 1.17
CA GLY B 110 17.33 10.56 2.62
C GLY B 110 15.95 10.48 3.27
N VAL B 113 15.33 15.00 4.55
CA VAL B 113 16.78 15.15 4.48
C VAL B 113 17.32 14.65 3.12
N ASN B 114 18.24 15.41 2.52
CA ASN B 114 18.95 14.93 1.33
C ASN B 114 20.33 15.54 1.13
N THR B 115 21.03 14.97 0.16
CA THR B 115 22.45 15.20 -0.06
C THR B 115 22.73 15.56 -1.51
N VAL B 116 21.73 16.12 -2.20
CA VAL B 116 21.93 16.73 -3.51
C VAL B 116 23.11 17.70 -3.53
N ASN B 117 23.27 18.47 -2.47
CA ASN B 117 24.49 19.26 -2.30
C ASN B 117 25.74 18.40 -2.56
N LEU B 118 25.84 17.26 -1.87
CA LEU B 118 27.07 16.47 -1.85
C LEU B 118 27.30 15.77 -3.19
N SER B 119 26.24 15.20 -3.77
CA SER B 119 26.38 14.50 -5.02
C SER B 119 26.57 15.46 -6.19
N THR B 120 25.92 16.61 -6.17
CA THR B 120 26.15 17.62 -7.21
C THR B 120 27.61 18.08 -7.23
N MET B 121 28.13 18.44 -6.06
CA MET B 121 29.50 18.89 -5.96
C MET B 121 30.47 17.76 -6.32
N ALA B 122 30.24 16.56 -5.77
CA ALA B 122 31.10 15.45 -6.08
C ALA B 122 31.16 15.19 -7.60
N ALA B 123 30.03 15.33 -8.28
CA ALA B 123 29.99 15.13 -9.73
C ALA B 123 30.89 16.11 -10.46
N ILE B 124 30.82 17.37 -10.04
CA ILE B 124 31.63 18.41 -10.68
C ILE B 124 33.13 18.15 -10.45
N VAL B 125 33.49 17.77 -9.23
CA VAL B 125 34.87 17.47 -8.88
C VAL B 125 35.42 16.26 -9.66
N VAL B 126 34.63 15.21 -9.74
CA VAL B 126 35.04 14.00 -10.50
C VAL B 126 35.30 14.38 -11.95
N ALA B 127 34.41 15.16 -12.56
CA ALA B 127 34.59 15.58 -13.93
C ALA B 127 35.87 16.42 -14.08
N ALA B 128 36.12 17.30 -13.11
CA ALA B 128 37.32 18.13 -13.11
C ALA B 128 38.58 17.31 -12.90
N ALA B 129 38.43 16.10 -12.36
CA ALA B 129 39.57 15.20 -12.24
C ALA B 129 39.84 14.45 -13.54
N GLY B 130 38.97 14.62 -14.53
CA GLY B 130 39.18 14.03 -15.85
C GLY B 130 38.32 12.80 -16.10
N VAL B 131 37.38 12.49 -15.20
CA VAL B 131 36.47 11.37 -15.41
C VAL B 131 35.15 11.87 -15.99
N PRO B 132 34.70 11.31 -17.12
CA PRO B 132 33.46 11.77 -17.69
C PRO B 132 32.31 11.45 -16.75
N VAL B 133 31.41 12.38 -16.59
CA VAL B 133 30.29 12.21 -15.66
C VAL B 133 29.01 12.44 -16.42
N VAL B 134 28.05 11.53 -16.24
CA VAL B 134 26.72 11.76 -16.77
C VAL B 134 25.68 11.53 -15.69
N LYS B 135 25.00 12.61 -15.32
CA LYS B 135 24.02 12.58 -14.28
C LYS B 135 22.59 12.60 -14.84
N HIS B 136 21.66 12.32 -13.95
CA HIS B 136 20.32 12.05 -14.31
C HIS B 136 19.43 12.40 -13.14
N GLY B 137 18.44 13.25 -13.39
CA GLY B 137 17.55 13.69 -12.34
C GLY B 137 16.41 14.59 -12.80
N ASN B 138 15.70 15.10 -11.81
CA ASN B 138 14.52 15.94 -12.05
C ASN B 138 14.49 17.13 -11.09
N ARG B 139 13.64 18.13 -11.35
CA ARG B 139 13.34 19.18 -10.33
C ARG B 139 12.59 18.55 -9.15
N ALA B 140 13.06 18.82 -7.93
CA ALA B 140 12.52 18.21 -6.71
C ALA B 140 11.09 18.73 -6.39
N ALA B 141 10.36 18.09 -5.47
CA ALA B 141 10.72 16.82 -4.79
C ALA B 141 10.29 15.62 -5.66
N SER B 142 11.27 15.02 -6.33
CA SER B 142 10.99 14.13 -7.45
C SER B 142 11.39 12.69 -7.18
N SER B 143 10.80 11.81 -7.97
CA SER B 143 10.91 10.37 -7.82
C SER B 143 12.29 9.83 -8.25
N LEU B 144 12.92 10.51 -9.20
CA LEU B 144 14.16 10.03 -9.84
C LEU B 144 15.44 10.77 -9.33
N SER B 145 15.38 11.22 -8.07
CA SER B 145 16.39 12.09 -7.45
C SER B 145 16.20 13.54 -7.90
N GLY B 146 16.61 14.47 -7.06
CA GLY B 146 16.60 15.89 -7.43
C GLY B 146 17.88 16.24 -8.17
N GLY B 147 18.43 17.41 -7.84
CA GLY B 147 19.71 17.83 -8.41
C GLY B 147 19.56 18.88 -9.49
N ALA B 148 18.45 18.87 -10.20
CA ALA B 148 18.27 19.76 -11.34
C ALA B 148 18.11 21.22 -10.86
N ASP B 149 17.43 21.40 -9.73
CA ASP B 149 17.19 22.72 -9.16
C ASP B 149 18.49 23.43 -8.79
N THR B 150 19.31 22.73 -8.03
CA THR B 150 20.61 23.24 -7.61
C THR B 150 21.45 23.59 -8.83
N LEU B 151 21.42 22.75 -9.85
CA LEU B 151 22.16 23.02 -11.09
C LEU B 151 21.66 24.28 -11.79
N GLU B 152 20.34 24.40 -11.91
CA GLU B 152 19.75 25.63 -12.45
C GLU B 152 20.16 26.85 -11.66
N ALA B 153 20.17 26.74 -10.34
CA ALA B 153 20.56 27.87 -9.47
C ALA B 153 22.04 28.25 -9.65
N LEU B 154 22.87 27.31 -10.07
CA LEU B 154 24.26 27.62 -10.51
C LEU B 154 24.33 28.18 -11.93
N GLY B 155 23.20 28.25 -12.65
CA GLY B 155 23.21 28.74 -14.03
C GLY B 155 23.44 27.66 -15.08
N VAL B 156 23.49 26.41 -14.65
CA VAL B 156 23.57 25.31 -15.60
C VAL B 156 22.23 25.13 -16.32
N ARG B 157 22.33 24.84 -17.62
CA ARG B 157 21.17 24.60 -18.45
C ARG B 157 20.73 23.12 -18.38
N ILE B 158 19.73 22.81 -17.57
CA ILE B 158 19.39 21.39 -17.31
C ILE B 158 18.58 20.66 -18.40
N ASP B 159 17.74 21.36 -19.17
CA ASP B 159 16.79 20.69 -20.08
C ASP B 159 17.30 20.62 -21.49
N LEU B 160 18.25 19.75 -21.72
CA LEU B 160 18.85 19.58 -23.03
C LEU B 160 18.50 18.22 -23.58
N GLY B 161 18.44 18.14 -24.90
CA GLY B 161 18.12 16.92 -25.62
C GLY B 161 19.36 16.13 -25.98
N PRO B 162 19.17 14.85 -26.36
CA PRO B 162 20.27 13.88 -26.50
C PRO B 162 21.50 14.43 -27.18
N ASP B 163 21.30 15.13 -28.30
CA ASP B 163 22.41 15.61 -29.13
C ASP B 163 23.27 16.59 -28.36
N LEU B 164 22.63 17.41 -27.53
CA LEU B 164 23.32 18.46 -26.80
C LEU B 164 23.94 17.98 -25.49
N VAL B 165 23.25 17.07 -24.78
CA VAL B 165 23.87 16.36 -23.65
C VAL B 165 25.15 15.69 -24.14
N ALA B 166 25.09 15.05 -25.30
CA ALA B 166 26.27 14.44 -25.90
C ALA B 166 27.39 15.43 -26.19
N ARG B 167 27.04 16.60 -26.73
CA ARG B 167 28.03 17.64 -26.99
C ARG B 167 28.61 18.19 -25.69
N SER B 168 27.76 18.33 -24.68
CA SER B 168 28.17 18.75 -23.35
C SER B 168 29.24 17.81 -22.79
N LEU B 169 29.00 16.52 -22.93
CA LEU B 169 29.90 15.49 -22.43
C LEU B 169 31.28 15.55 -23.13
N ALA B 170 31.27 15.68 -24.45
CA ALA B 170 32.48 15.77 -25.24
C ALA B 170 33.25 17.06 -24.98
N GLU B 171 32.54 18.18 -24.83
CA GLU B 171 33.21 19.49 -24.75
C GLU B 171 33.51 19.95 -23.33
N VAL B 172 32.65 19.60 -22.37
CA VAL B 172 32.86 19.98 -20.98
C VAL B 172 33.33 18.81 -20.08
N GLY B 173 33.06 17.57 -20.48
CA GLY B 173 33.36 16.40 -19.66
C GLY B 173 32.23 16.00 -18.71
N ILE B 174 31.10 16.68 -18.78
CA ILE B 174 29.93 16.33 -17.96
C ILE B 174 28.64 16.64 -18.69
N GLY B 175 27.60 15.87 -18.38
CA GLY B 175 26.25 16.09 -18.93
C GLY B 175 25.16 15.78 -17.92
N PHE B 176 23.97 16.29 -18.16
CA PHE B 176 22.84 16.07 -17.28
C PHE B 176 21.67 15.66 -18.15
N CYS B 177 21.09 14.48 -17.88
CA CYS B 177 19.88 13.99 -18.60
C CYS B 177 18.65 14.31 -17.76
N PHE B 178 17.82 15.24 -18.25
CA PHE B 178 16.62 15.70 -17.56
C PHE B 178 15.51 14.65 -17.63
N ALA B 179 15.11 14.10 -16.49
CA ALA B 179 14.25 12.92 -16.48
C ALA B 179 13.00 13.08 -17.34
N PRO B 180 12.29 14.22 -17.22
CA PRO B 180 11.10 14.39 -18.08
C PRO B 180 11.31 14.32 -19.59
N ARG B 181 12.49 14.68 -20.10
CA ARG B 181 12.72 14.56 -21.55
C ARG B 181 13.18 13.17 -22.01
N PHE B 182 13.85 12.41 -21.14
CA PHE B 182 14.36 11.09 -21.52
C PHE B 182 13.39 9.95 -21.16
N HIS B 183 12.50 10.21 -20.20
CA HIS B 183 11.52 9.25 -19.69
C HIS B 183 10.11 9.78 -19.74
N PRO B 184 9.67 10.28 -20.90
CA PRO B 184 8.31 10.85 -20.96
C PRO B 184 7.24 9.88 -20.49
N SER B 185 7.42 8.60 -20.80
CA SER B 185 6.40 7.59 -20.44
C SER B 185 6.27 7.32 -18.93
N TYR B 186 7.23 7.79 -18.15
CA TYR B 186 7.19 7.66 -16.71
C TYR B 186 6.26 8.68 -16.05
N ARG B 187 5.62 9.53 -16.85
CA ARG B 187 4.79 10.63 -16.33
CA ARG B 187 4.84 10.63 -16.29
C ARG B 187 3.68 10.17 -15.39
N HIS B 188 3.09 9.00 -15.65
CA HIS B 188 1.97 8.54 -14.80
C HIS B 188 2.48 8.05 -13.46
N ALA B 189 3.58 7.30 -13.48
CA ALA B 189 4.21 6.88 -12.22
C ALA B 189 4.61 8.10 -11.41
N ALA B 190 5.23 9.08 -12.06
CA ALA B 190 5.77 10.22 -11.33
C ALA B 190 4.67 11.07 -10.69
N ALA B 191 3.51 11.17 -11.34
CA ALA B 191 2.38 11.95 -10.79
C ALA B 191 1.84 11.23 -9.55
N VAL B 192 1.68 9.91 -9.63
CA VAL B 192 1.33 9.13 -8.45
C VAL B 192 2.38 9.32 -7.33
N ALA B 193 3.66 9.18 -7.65
CA ALA B 193 4.72 9.34 -6.63
C ALA B 193 4.58 10.68 -5.88
N ARG B 194 4.28 11.75 -6.62
CA ARG B 194 4.09 13.06 -6.01
C ARG B 194 2.86 13.09 -5.11
N GLU B 195 1.75 12.56 -5.61
CA GLU B 195 0.50 12.60 -4.86
C GLU B 195 0.62 11.90 -3.51
N ILE B 196 1.41 10.84 -3.45
CA ILE B 196 1.49 10.09 -2.21
C ILE B 196 2.58 10.57 -1.28
N GLY B 197 3.60 11.21 -1.84
CA GLY B 197 4.60 11.89 -1.04
C GLY B 197 5.68 11.03 -0.39
N VAL B 198 5.36 9.79 -0.08
CA VAL B 198 6.25 8.95 0.69
C VAL B 198 7.19 8.22 -0.27
N PRO B 199 8.45 7.99 0.14
CA PRO B 199 9.34 7.27 -0.74
C PRO B 199 8.81 5.86 -0.98
N THR B 200 8.92 5.36 -2.23
CA THR B 200 8.57 3.95 -2.54
C THR B 200 9.70 3.28 -3.30
N VAL B 201 9.47 2.04 -3.72
CA VAL B 201 10.40 1.32 -4.60
C VAL B 201 10.78 2.16 -5.84
N PHE B 202 9.88 3.02 -6.30
CA PHE B 202 10.19 3.91 -7.43
C PHE B 202 11.39 4.81 -7.19
N ASN B 203 11.68 5.16 -5.93
CA ASN B 203 12.82 6.02 -5.64
C ASN B 203 14.15 5.32 -5.90
N LEU B 204 14.15 3.99 -5.96
CA LEU B 204 15.38 3.27 -6.34
C LEU B 204 15.71 3.38 -7.81
N LEU B 205 14.75 3.82 -8.62
CA LEU B 205 14.86 3.67 -10.09
C LEU B 205 15.75 4.68 -10.76
N GLY B 206 15.85 5.86 -10.18
CA GLY B 206 16.68 6.94 -10.75
C GLY B 206 18.08 6.49 -11.16
N PRO B 207 18.86 5.99 -10.21
CA PRO B 207 20.22 5.50 -10.47
C PRO B 207 20.28 4.31 -11.43
N LEU B 208 19.19 3.54 -11.49
CA LEU B 208 19.13 2.34 -12.29
C LEU B 208 18.58 2.60 -13.66
N THR B 209 18.18 3.86 -13.94
CA THR B 209 17.58 4.19 -15.24
C THR B 209 18.20 5.40 -15.92
N ASN B 210 19.47 5.65 -15.62
CA ASN B 210 20.19 6.75 -16.21
C ASN B 210 20.22 6.48 -17.70
N PRO B 211 19.70 7.41 -18.50
CA PRO B 211 19.50 7.09 -19.91
C PRO B 211 20.80 6.98 -20.69
N ALA B 212 21.87 7.52 -20.14
CA ALA B 212 23.19 7.38 -20.73
C ALA B 212 23.79 6.00 -20.46
N ARG B 213 23.21 5.23 -19.53
CA ARG B 213 23.70 3.90 -19.15
C ARG B 213 25.20 3.88 -18.76
N PRO B 214 25.63 4.81 -17.89
CA PRO B 214 27.01 4.70 -17.45
C PRO B 214 27.30 3.35 -16.79
N ARG B 215 28.51 2.86 -16.93
CA ARG B 215 28.85 1.53 -16.41
C ARG B 215 29.52 1.61 -15.07
N ALA B 216 29.77 2.81 -14.57
CA ALA B 216 30.38 2.96 -13.26
C ALA B 216 29.68 4.06 -12.50
N GLY B 217 29.84 4.05 -11.20
CA GLY B 217 29.22 5.06 -10.38
C GLY B 217 29.42 4.86 -8.90
N LEU B 218 29.08 5.92 -8.18
CA LEU B 218 28.95 5.90 -6.73
C LEU B 218 27.46 6.11 -6.55
N ILE B 219 26.79 5.17 -5.89
CA ILE B 219 25.34 5.19 -5.78
C ILE B 219 25.00 5.02 -4.30
N GLY B 220 24.47 6.09 -3.74
CA GLY B 220 24.12 6.09 -2.34
C GLY B 220 22.65 5.74 -2.08
N CYS B 221 22.38 5.15 -0.93
CA CYS B 221 21.02 4.80 -0.54
C CYS B 221 20.83 4.93 0.96
N ALA B 222 19.67 5.46 1.37
CA ALA B 222 19.37 5.72 2.79
C ALA B 222 19.02 4.48 3.60
N PHE B 223 18.77 3.34 2.96
CA PHE B 223 18.43 2.11 3.68
C PHE B 223 19.31 0.97 3.27
N ALA B 224 19.85 0.26 4.25
CA ALA B 224 20.85 -0.77 4.00
C ALA B 224 20.29 -1.93 3.22
N ASP B 225 19.06 -2.34 3.52
CA ASP B 225 18.48 -3.47 2.79
C ASP B 225 18.23 -3.11 1.33
N LEU B 226 17.82 -1.88 1.06
CA LEU B 226 17.58 -1.47 -0.31
C LEU B 226 18.90 -1.24 -1.09
N ALA B 227 19.94 -0.78 -0.39
CA ALA B 227 21.29 -0.67 -0.94
C ALA B 227 21.77 -2.01 -1.49
N GLU B 228 21.61 -3.06 -0.69
CA GLU B 228 22.02 -4.38 -1.08
C GLU B 228 21.27 -4.85 -2.30
N VAL B 229 19.98 -4.55 -2.33
CA VAL B 229 19.13 -4.88 -3.49
C VAL B 229 19.65 -4.15 -4.76
N MET B 230 19.92 -2.86 -4.67
CA MET B 230 20.50 -2.14 -5.82
C MET B 230 21.83 -2.74 -6.29
N ALA B 231 22.68 -3.10 -5.35
CA ALA B 231 23.95 -3.72 -5.66
C ALA B 231 23.72 -4.98 -6.46
N GLY B 232 22.70 -5.75 -6.08
CA GLY B 232 22.34 -6.95 -6.85
C GLY B 232 21.91 -6.64 -8.27
N VAL B 233 21.19 -5.54 -8.46
CA VAL B 233 20.82 -5.15 -9.82
C VAL B 233 22.06 -4.74 -10.62
N PHE B 234 22.96 -3.96 -10.02
CA PHE B 234 24.17 -3.52 -10.75
C PHE B 234 25.09 -4.70 -11.07
N ALA B 235 25.14 -5.68 -10.17
CA ALA B 235 26.00 -6.85 -10.35
C ALA B 235 25.61 -7.59 -11.61
N ALA B 236 24.31 -7.69 -11.88
CA ALA B 236 23.83 -8.35 -13.09
C ALA B 236 24.05 -7.54 -14.36
N ARG B 237 24.52 -6.31 -14.23
CA ARG B 237 24.90 -5.49 -15.39
C ARG B 237 26.38 -5.52 -15.54
N ARG B 238 26.86 -5.06 -16.67
CA ARG B 238 28.31 -4.97 -16.88
C ARG B 238 28.78 -3.68 -16.16
N SER B 239 29.01 -3.75 -14.84
CA SER B 239 29.05 -2.51 -14.01
C SER B 239 30.13 -2.54 -12.95
N SER B 240 30.83 -1.42 -12.79
CA SER B 240 31.74 -1.22 -11.64
C SER B 240 31.26 -0.06 -10.79
N VAL B 241 30.68 -0.38 -9.64
CA VAL B 241 29.88 0.60 -8.90
C VAL B 241 30.17 0.43 -7.44
N LEU B 242 30.20 1.53 -6.69
CA LEU B 242 30.17 1.44 -5.25
C LEU B 242 28.78 1.88 -4.86
N VAL B 243 28.02 0.97 -4.27
CA VAL B 243 26.73 1.31 -3.68
C VAL B 243 27.01 1.58 -2.22
N VAL B 244 26.63 2.75 -1.75
CA VAL B 244 27.03 3.20 -0.44
C VAL B 244 25.87 3.59 0.44
N HIS B 245 26.05 3.34 1.73
CA HIS B 245 25.07 3.67 2.76
C HIS B 245 25.82 4.07 4.03
N GLY B 246 25.69 5.32 4.43
CA GLY B 246 26.29 5.79 5.69
C GLY B 246 25.60 5.09 6.85
N ASP B 247 26.34 4.63 7.83
CA ASP B 247 25.71 3.92 8.96
C ASP B 247 24.94 4.87 9.89
N ASP B 248 24.93 6.17 9.54
CA ASP B 248 24.04 7.17 10.13
C ASP B 248 22.74 7.36 9.35
N GLY B 249 22.51 6.59 8.28
CA GLY B 249 21.34 6.77 7.40
C GLY B 249 21.61 7.60 6.14
N LEU B 250 22.79 8.20 6.04
CA LEU B 250 23.11 9.07 4.89
C LEU B 250 23.06 8.29 3.57
N ASP B 251 22.46 8.87 2.52
CA ASP B 251 22.52 8.24 1.19
C ASP B 251 23.78 8.66 0.37
N GLU B 252 24.93 8.65 1.04
CA GLU B 252 26.26 8.87 0.45
C GLU B 252 27.25 8.28 1.47
N LEU B 253 28.54 8.30 1.15
CA LEU B 253 29.55 7.98 2.14
C LEU B 253 29.55 9.12 3.15
N THR B 254 29.51 8.77 4.43
CA THR B 254 29.42 9.78 5.49
C THR B 254 30.77 9.98 6.11
N THR B 255 30.91 11.09 6.83
CA THR B 255 32.09 11.40 7.64
C THR B 255 31.76 11.40 9.14
N THR B 256 30.51 11.07 9.51
CA THR B 256 30.11 11.07 10.95
C THR B 256 30.35 9.72 11.64
N THR B 257 30.57 8.68 10.85
CA THR B 257 30.78 7.32 11.36
C THR B 257 31.19 6.45 10.17
N THR B 258 31.12 5.13 10.35
CA THR B 258 31.34 4.23 9.26
C THR B 258 30.24 4.30 8.18
N SER B 259 30.58 3.76 7.01
CA SER B 259 29.61 3.45 5.99
C SER B 259 29.71 1.97 5.64
N THR B 260 28.64 1.42 5.09
CA THR B 260 28.68 0.13 4.44
C THR B 260 28.75 0.36 2.94
N ILE B 261 29.61 -0.38 2.27
CA ILE B 261 29.80 -0.29 0.83
C ILE B 261 29.58 -1.66 0.24
N TRP B 262 28.75 -1.71 -0.81
CA TRP B 262 28.64 -2.91 -1.63
C TRP B 262 29.42 -2.57 -2.89
N ARG B 263 30.58 -3.16 -2.94
CA ARG B 263 31.51 -2.97 -4.02
C ARG B 263 31.15 -3.95 -5.12
N VAL B 264 30.74 -3.43 -6.27
CA VAL B 264 30.24 -4.27 -7.36
C VAL B 264 31.22 -4.28 -8.56
N ALA B 265 31.67 -5.45 -8.96
CA ALA B 265 32.44 -5.63 -10.21
C ALA B 265 32.33 -7.07 -10.73
N ALA B 266 32.49 -7.23 -12.03
CA ALA B 266 32.60 -8.57 -12.66
C ALA B 266 31.42 -9.48 -12.28
N GLY B 267 30.24 -8.89 -12.11
CA GLY B 267 29.06 -9.61 -11.66
C GLY B 267 29.03 -10.11 -10.22
N SER B 268 29.91 -9.63 -9.36
CA SER B 268 29.91 -9.97 -7.94
C SER B 268 29.84 -8.74 -7.04
N VAL B 269 29.62 -9.01 -5.75
CA VAL B 269 29.41 -8.00 -4.73
C VAL B 269 30.38 -8.32 -3.60
N ASP B 270 31.17 -7.34 -3.16
CA ASP B 270 32.07 -7.45 -2.00
C ASP B 270 31.54 -6.39 -1.02
N LYS B 271 30.82 -6.87 -0.02
CA LYS B 271 30.24 -6.02 1.00
C LYS B 271 31.24 -5.79 2.13
N LEU B 272 31.41 -4.52 2.53
CA LEU B 272 32.42 -4.20 3.53
C LEU B 272 32.07 -2.97 4.37
N THR B 273 32.70 -2.89 5.54
CA THR B 273 32.56 -1.75 6.43
C THR B 273 33.74 -0.80 6.19
N PHE B 274 33.42 0.46 5.91
CA PHE B 274 34.38 1.46 5.45
C PHE B 274 34.48 2.52 6.52
N ASP B 275 35.70 2.99 6.81
CA ASP B 275 35.86 4.02 7.84
C ASP B 275 36.84 5.09 7.39
N PRO B 276 36.34 6.28 7.06
CA PRO B 276 37.22 7.29 6.49
C PRO B 276 38.22 7.90 7.49
N ALA B 277 38.09 7.62 8.79
CA ALA B 277 39.14 7.94 9.77
C ALA B 277 40.45 7.30 9.33
N GLY B 278 40.37 6.15 8.65
CA GLY B 278 41.55 5.51 8.06
C GLY B 278 42.34 6.38 7.11
N PHE B 279 41.70 7.38 6.52
CA PHE B 279 42.37 8.30 5.60
C PHE B 279 42.58 9.69 6.20
N GLY B 280 42.33 9.87 7.49
CA GLY B 280 42.55 11.16 8.16
C GLY B 280 41.33 12.08 8.20
N PHE B 281 40.15 11.60 7.82
CA PHE B 281 38.94 12.43 7.93
C PHE B 281 38.46 12.51 9.38
N ALA B 282 38.34 13.72 9.92
CA ALA B 282 37.81 13.89 11.28
C ALA B 282 36.31 13.58 11.28
N ARG B 283 35.81 13.09 12.41
CA ARG B 283 34.39 12.88 12.57
C ARG B 283 33.64 14.21 12.52
N ALA B 284 32.62 14.28 11.67
CA ALA B 284 31.71 15.43 11.61
C ALA B 284 30.36 15.08 12.27
N GLN B 285 29.41 16.02 12.23
CA GLN B 285 28.05 15.80 12.75
C GLN B 285 27.11 15.69 11.58
N LEU B 286 26.00 14.98 11.74
CA LEU B 286 25.08 14.75 10.62
C LEU B 286 24.48 16.07 10.09
N ASP B 287 24.01 16.92 10.99
CA ASP B 287 23.43 18.20 10.61
C ASP B 287 24.38 19.04 9.73
N GLN B 288 25.69 18.81 9.86
CA GLN B 288 26.67 19.60 9.12
C GLN B 288 26.71 19.25 7.63
N LEU B 289 26.22 18.06 7.27
CA LEU B 289 26.32 17.57 5.90
C LEU B 289 25.05 17.76 5.06
N ALA B 290 23.90 17.85 5.70
CA ALA B 290 22.63 17.83 4.97
C ALA B 290 22.46 19.09 4.11
N GLY B 291 21.74 18.94 3.00
CA GLY B 291 21.52 20.03 2.07
C GLY B 291 20.54 21.06 2.59
N GLY B 292 20.10 21.92 1.66
CA GLY B 292 19.11 22.96 1.93
C GLY B 292 18.28 23.07 0.68
N ASP B 293 17.77 24.26 0.39
CA ASP B 293 17.09 24.52 -0.90
C ASP B 293 18.16 24.75 -2.01
N ALA B 294 17.67 25.01 -3.22
CA ALA B 294 18.52 25.22 -4.38
C ALA B 294 19.56 26.33 -4.15
N GLN B 295 19.11 27.44 -3.59
CA GLN B 295 19.97 28.61 -3.42
C GLN B 295 21.04 28.40 -2.36
N ALA B 296 20.64 27.79 -1.25
CA ALA B 296 21.58 27.43 -0.20
C ALA B 296 22.59 26.42 -0.73
N ASN B 297 22.13 25.48 -1.54
CA ASN B 297 22.99 24.50 -2.18
C ASN B 297 23.97 25.16 -3.16
N ALA B 298 23.49 26.12 -3.94
CA ALA B 298 24.35 26.82 -4.90
C ALA B 298 25.43 27.61 -4.15
N ALA B 299 25.01 28.31 -3.11
CA ALA B 299 25.95 29.06 -2.28
C ALA B 299 27.01 28.12 -1.72
N ALA B 300 26.59 26.94 -1.29
CA ALA B 300 27.54 25.95 -0.75
C ALA B 300 28.47 25.39 -1.83
N VAL B 301 27.94 25.16 -3.03
CA VAL B 301 28.77 24.73 -4.15
C VAL B 301 29.87 25.75 -4.42
N ARG B 302 29.51 27.04 -4.44
CA ARG B 302 30.48 28.10 -4.74
C ARG B 302 31.56 28.21 -3.68
N ALA B 303 31.20 28.04 -2.42
CA ALA B 303 32.19 28.13 -1.36
C ALA B 303 33.16 26.95 -1.42
N VAL B 304 32.63 25.74 -1.59
CA VAL B 304 33.48 24.55 -1.63
C VAL B 304 34.39 24.56 -2.85
N LEU B 305 33.85 24.84 -4.02
CA LEU B 305 34.66 24.85 -5.21
C LEU B 305 35.65 26.00 -5.17
N GLY B 306 35.37 26.99 -4.32
CA GLY B 306 36.28 28.12 -4.06
C GLY B 306 37.40 27.87 -3.04
N GLY B 307 37.31 26.78 -2.29
CA GLY B 307 38.39 26.37 -1.38
C GLY B 307 38.02 26.29 0.11
N ALA B 308 36.79 26.66 0.45
CA ALA B 308 36.35 26.61 1.84
C ALA B 308 36.51 25.21 2.38
N ARG B 309 37.23 25.10 3.48
CA ARG B 309 37.48 23.85 4.14
C ARG B 309 36.43 23.60 5.21
N GLY B 310 36.27 22.34 5.58
CA GLY B 310 35.26 21.96 6.56
C GLY B 310 34.60 20.63 6.21
N PRO B 311 33.55 20.28 6.96
CA PRO B 311 32.92 18.97 6.84
C PRO B 311 32.28 18.69 5.47
N VAL B 312 31.65 19.70 4.87
CA VAL B 312 31.04 19.58 3.56
C VAL B 312 32.08 19.21 2.48
N ARG B 313 33.13 20.03 2.36
CA ARG B 313 34.26 19.69 1.49
C ARG B 313 34.72 18.25 1.70
N ASP B 314 34.91 17.86 2.96
CA ASP B 314 35.44 16.53 3.25
C ASP B 314 34.53 15.46 2.64
N ALA B 315 33.24 15.61 2.83
CA ALA B 315 32.25 14.64 2.35
C ALA B 315 32.22 14.63 0.82
N VAL B 316 32.34 15.79 0.23
CA VAL B 316 32.43 15.93 -1.21
C VAL B 316 33.67 15.19 -1.74
N VAL B 317 34.80 15.38 -1.08
CA VAL B 317 36.06 14.75 -1.49
C VAL B 317 36.00 13.23 -1.32
N LEU B 318 35.42 12.79 -0.21
CA LEU B 318 35.22 11.37 0.06
C LEU B 318 34.41 10.69 -1.07
N ASN B 319 33.28 11.29 -1.44
CA ASN B 319 32.38 10.68 -2.40
C ASN B 319 32.89 10.77 -3.84
N ALA B 320 33.54 11.88 -4.16
CA ALA B 320 34.19 12.03 -5.46
C ALA B 320 35.26 10.97 -5.64
N ALA B 321 36.08 10.79 -4.61
CA ALA B 321 37.11 9.74 -4.60
C ALA B 321 36.44 8.37 -4.76
N GLY B 322 35.29 8.19 -4.13
CA GLY B 322 34.51 6.96 -4.29
C GLY B 322 34.10 6.70 -5.72
N ALA B 323 33.59 7.73 -6.41
CA ALA B 323 33.24 7.61 -7.82
C ALA B 323 34.46 7.30 -8.67
N ILE B 324 35.58 7.92 -8.33
CA ILE B 324 36.84 7.65 -9.02
C ILE B 324 37.35 6.20 -8.80
N VAL B 325 37.22 5.67 -7.60
CA VAL B 325 37.56 4.28 -7.35
C VAL B 325 36.67 3.35 -8.17
N ALA B 326 35.37 3.63 -8.22
CA ALA B 326 34.44 2.88 -9.10
C ALA B 326 34.86 2.93 -10.55
N HIS B 327 35.20 4.14 -11.02
CA HIS B 327 35.73 4.33 -12.37
C HIS B 327 36.98 3.50 -12.65
N ALA B 328 37.93 3.53 -11.73
CA ALA B 328 39.13 2.73 -11.85
C ALA B 328 38.81 1.23 -11.97
N GLY B 329 37.74 0.78 -11.35
CA GLY B 329 37.38 -0.62 -11.40
C GLY B 329 36.99 -1.12 -12.78
N LEU B 330 36.67 -0.21 -13.70
CA LEU B 330 36.25 -0.62 -15.03
C LEU B 330 37.38 -1.31 -15.76
N SER B 331 38.56 -0.70 -15.81
CA SER B 331 39.67 -1.34 -16.54
C SER B 331 41.04 -1.14 -15.87
N SER B 332 41.05 -0.88 -14.56
CA SER B 332 42.31 -0.74 -13.83
C SER B 332 42.52 -2.03 -13.05
N ARG B 333 43.77 -2.35 -12.79
CA ARG B 333 44.12 -3.50 -11.99
C ARG B 333 44.28 -3.08 -10.52
N ALA B 334 44.23 -1.77 -10.26
CA ALA B 334 44.61 -1.21 -8.94
C ALA B 334 43.73 -1.71 -7.82
N GLU B 335 44.39 -1.96 -6.71
CA GLU B 335 43.72 -2.54 -5.57
C GLU B 335 43.04 -1.45 -4.79
N TRP B 336 42.14 -1.89 -3.92
CA TRP B 336 41.28 -1.03 -3.13
C TRP B 336 41.99 0.16 -2.51
N LEU B 337 42.98 -0.09 -1.65
CA LEU B 337 43.57 1.00 -0.85
C LEU B 337 44.32 1.98 -1.72
N PRO B 338 45.23 1.48 -2.60
CA PRO B 338 45.88 2.44 -3.52
C PRO B 338 44.90 3.20 -4.41
N ALA B 339 43.84 2.53 -4.85
CA ALA B 339 42.81 3.21 -5.65
C ALA B 339 42.16 4.34 -4.85
N TRP B 340 41.83 4.07 -3.60
CA TRP B 340 41.28 5.10 -2.72
C TRP B 340 42.24 6.29 -2.53
N GLU B 341 43.49 6.01 -2.21
CA GLU B 341 44.49 7.06 -1.97
C GLU B 341 44.69 7.99 -3.17
N GLU B 342 44.69 7.42 -4.35
CA GLU B 342 44.81 8.16 -5.58
C GLU B 342 43.51 8.92 -5.87
N GLY B 343 42.38 8.29 -5.61
CA GLY B 343 41.09 8.96 -5.70
C GLY B 343 40.97 10.19 -4.82
N LEU B 344 41.38 10.07 -3.56
CA LEU B 344 41.41 11.22 -2.64
C LEU B 344 42.36 12.32 -3.10
N ARG B 345 43.52 11.95 -3.64
CA ARG B 345 44.49 12.93 -4.12
C ARG B 345 43.91 13.68 -5.34
N ARG B 346 43.31 12.95 -6.26
CA ARG B 346 42.74 13.54 -7.46
C ARG B 346 41.55 14.43 -7.21
N ALA B 347 40.71 14.05 -6.25
CA ALA B 347 39.52 14.82 -5.91
C ALA B 347 39.92 16.13 -5.24
N SER B 348 40.79 16.04 -4.24
CA SER B 348 41.34 17.22 -3.58
C SER B 348 42.03 18.19 -4.53
N ALA B 349 42.83 17.65 -5.44
CA ALA B 349 43.58 18.48 -6.36
C ALA B 349 42.64 19.16 -7.35
N ALA B 350 41.57 18.48 -7.74
CA ALA B 350 40.59 19.09 -8.63
C ALA B 350 39.98 20.33 -7.99
N ILE B 351 39.81 20.32 -6.68
CA ILE B 351 39.34 21.53 -5.97
C ILE B 351 40.44 22.56 -5.78
N ASP B 352 41.57 22.12 -5.23
CA ASP B 352 42.61 23.06 -4.81
C ASP B 352 43.28 23.80 -5.98
N THR B 353 43.36 23.15 -7.15
CA THR B 353 43.93 23.74 -8.33
C THR B 353 42.93 24.64 -9.06
N GLY B 354 41.71 24.72 -8.55
CA GLY B 354 40.66 25.48 -9.20
C GLY B 354 40.01 24.78 -10.40
N ALA B 355 40.43 23.55 -10.70
CA ALA B 355 39.89 22.83 -11.87
C ALA B 355 38.37 22.63 -11.80
N ALA B 356 37.87 22.36 -10.60
CA ALA B 356 36.44 22.17 -10.40
C ALA B 356 35.67 23.47 -10.64
N GLU B 357 36.13 24.56 -10.02
CA GLU B 357 35.55 25.88 -10.24
C GLU B 357 35.53 26.20 -11.73
N GLN B 358 36.65 25.99 -12.40
CA GLN B 358 36.74 26.29 -13.82
C GLN B 358 35.82 25.42 -14.66
N LEU B 359 35.68 24.13 -14.32
CA LEU B 359 34.83 23.26 -15.12
C LEU B 359 33.38 23.68 -14.95
N LEU B 360 32.99 24.07 -13.75
CA LEU B 360 31.62 24.56 -13.56
C LEU B 360 31.38 25.81 -14.37
N ALA B 361 32.34 26.73 -14.37
CA ALA B 361 32.21 27.92 -15.20
C ALA B 361 32.06 27.54 -16.67
N ARG B 362 32.88 26.60 -17.10
CA ARG B 362 32.87 26.11 -18.48
C ARG B 362 31.51 25.45 -18.82
N TRP B 363 30.89 24.76 -17.86
CA TRP B 363 29.58 24.11 -18.08
C TRP B 363 28.51 25.19 -18.26
N VAL B 364 28.53 26.17 -17.38
CA VAL B 364 27.63 27.31 -17.50
C VAL B 364 27.83 27.96 -18.87
N ARG B 365 29.08 28.28 -19.24
CA ARG B 365 29.38 28.90 -20.56
C ARG B 365 28.76 28.11 -21.70
N PHE B 366 28.98 26.80 -21.69
CA PHE B 366 28.45 25.91 -22.72
C PHE B 366 26.94 26.05 -22.91
N GLY B 367 26.21 26.14 -21.80
CA GLY B 367 24.76 26.33 -21.84
C GLY B 367 24.36 27.70 -22.41
N ARG B 368 25.10 28.73 -22.05
CA ARG B 368 24.81 30.07 -22.56
C ARG B 368 25.17 30.19 -24.03
N GLN B 369 26.19 29.47 -24.49
CA GLN B 369 26.69 29.59 -25.87
C GLN B 369 25.85 28.84 -26.90
N ILE B 370 24.56 28.62 -26.62
CA ILE B 370 23.60 28.16 -27.64
C ILE B 370 22.82 29.36 -28.17
C BE2 C . -20.39 2.03 -4.55
O BE2 C . -20.39 0.81 -4.80
OXT BE2 C . -20.10 2.90 -5.40
C1 BE2 C . -20.79 2.53 -3.18
CA BE2 C . -20.72 1.69 -1.93
C3 BE2 C . -21.12 2.24 -0.73
N BE2 C . -20.29 0.39 -1.91
C4 BE2 C . -21.56 3.55 -0.72
C5 BE2 C . -21.62 4.35 -1.86
C6 BE2 C . -21.25 3.84 -3.09
N1 IMD D . -41.48 -25.97 6.06
C2 IMD D . -41.69 -24.90 5.26
N3 IMD D . -43.03 -24.72 5.11
C4 IMD D . -43.66 -25.70 5.80
C5 IMD D . -42.69 -26.49 6.40
C1 GOL E . -19.17 -25.04 21.57
O1 GOL E . -18.34 -23.93 21.96
C2 GOL E . -18.33 -26.29 21.28
O2 GOL E . -17.23 -25.98 20.42
C3 GOL E . -19.15 -27.35 20.56
O3 GOL E . -19.83 -28.20 21.48
C BE2 F . 7.39 14.44 -14.13
O BE2 F . 8.15 15.07 -13.34
OXT BE2 F . 6.16 14.64 -14.16
C1 BE2 F . 8.00 13.41 -15.06
CA BE2 F . 9.13 12.53 -14.66
C3 BE2 F . 9.63 11.62 -15.57
N BE2 F . 9.69 12.53 -13.43
C4 BE2 F . 9.07 11.56 -16.83
C5 BE2 F . 8.02 12.39 -17.24
C6 BE2 F . 7.48 13.32 -16.36
C1 GOL G . 39.84 2.83 5.21
O1 GOL G . 40.87 2.38 6.08
C2 GOL G . 38.98 1.61 4.98
O2 GOL G . 37.76 1.77 5.70
C3 GOL G . 38.82 1.41 3.49
O3 GOL G . 37.98 0.32 3.19
#